data_3P3D
# 
_entry.id   3P3D 
# 
_audit_conform.dict_name       mmcif_pdbx.dic 
_audit_conform.dict_version    5.379 
_audit_conform.dict_location   http://mmcif.pdb.org/dictionaries/ascii/mmcif_pdbx.dic 
# 
loop_
_database_2.database_id 
_database_2.database_code 
_database_2.pdbx_database_accession 
_database_2.pdbx_DOI 
PDB   3P3D         pdb_00003p3d 10.2210/pdb3p3d/pdb 
RCSB  RCSB061904   ?            ?                   
WWPDB D_1000061904 ?            ?                   
# 
_pdbx_database_related.db_name        TargetDB 
_pdbx_database_related.db_id          NYSGXRC-15053d 
_pdbx_database_related.details        . 
_pdbx_database_related.content_type   unspecified 
# 
_pdbx_database_status.entry_id                        3P3D 
_pdbx_database_status.status_code                     REL 
_pdbx_database_status.deposit_site                    RCSB 
_pdbx_database_status.process_site                    RCSB 
_pdbx_database_status.recvd_initial_deposition_date   2010-10-04 
_pdbx_database_status.status_code_sf                  REL 
_pdbx_database_status.status_code_mr                  ? 
_pdbx_database_status.SG_entry                        Y 
_pdbx_database_status.status_code_cs                  ? 
_pdbx_database_status.pdb_format_compatible           Y 
_pdbx_database_status.methods_development_category    ? 
_pdbx_database_status.status_code_nmr_data            ? 
# 
loop_
_audit_author.name 
_audit_author.pdbx_ordinal 
_audit_author.identifier_ORCID 
'Sampathkumar, P.'                                               1  ?                   
'Shawn, C.'                                                      2  ?                   
'Bain, K.'                                                       3  ?                   
'Gilmore, J.'                                                    4  ?                   
'Gheyi, T.'                                                      5  ?                   
'Atwell, S.'                                                     6  ?                   
'Thompson, D.A.'                                                 7  ?                   
'Emtage, J.S.'                                                   8  ?                   
'Wasserman, S.'                                                  9  ?                   
'Sauder, J.M.'                                                   10 0000-0002-0254-4955 
'Burley, S.K.'                                                   11 0000-0002-2487-9713 
'New York SGX Research Center for Structural Genomics (NYSGXRC)' 12 ?                   
# 
_citation.id                        primary 
_citation.title                     'Crystal structure of the Nup53 RRM domain from Pichia guilliermondii' 
_citation.journal_abbrev            'To be Published' 
_citation.journal_volume            ? 
_citation.page_first                ? 
_citation.page_last                 ? 
_citation.year                      ? 
_citation.journal_id_ASTM           ? 
_citation.country                   ? 
_citation.journal_id_ISSN           ? 
_citation.journal_id_CSD            0353 
_citation.book_publisher            ? 
_citation.pdbx_database_id_PubMed   ? 
_citation.pdbx_database_id_DOI      ? 
# 
_citation_author.citation_id        primary 
_citation_author.name               'Sampathkumar, P.' 
_citation_author.ordinal            1 
_citation_author.identifier_ORCID   ? 
# 
_cell.length_a           62.507 
_cell.length_b           62.507 
_cell.length_c           55.117 
_cell.angle_alpha        90.000 
_cell.angle_beta         90.000 
_cell.angle_gamma        120.000 
_cell.entry_id           3P3D 
_cell.pdbx_unique_axis   ? 
_cell.Z_PDB              6 
_cell.length_a_esd       ? 
_cell.length_b_esd       ? 
_cell.length_c_esd       ? 
_cell.angle_alpha_esd    ? 
_cell.angle_beta_esd     ? 
_cell.angle_gamma_esd    ? 
# 
_symmetry.space_group_name_H-M             'P 3 2 1' 
_symmetry.entry_id                         3P3D 
_symmetry.pdbx_full_space_group_name_H-M   ? 
_symmetry.Int_Tables_number                150 
_symmetry.cell_setting                     ? 
_symmetry.space_group_name_Hall            ? 
# 
loop_
_entity.id 
_entity.type 
_entity.src_method 
_entity.pdbx_description 
_entity.formula_weight 
_entity.pdbx_number_of_molecules 
_entity.pdbx_ec 
_entity.pdbx_mutation 
_entity.pdbx_fragment 
_entity.details 
1 polymer man 'Nucleoporin 53' 14517.317 1  ? ? 'RRM Domain residues 261-383' ? 
2 water   nat water            18.015    20 ? ? ?                             ? 
# 
_entity_poly.entity_id                      1 
_entity_poly.type                           'polypeptide(L)' 
_entity_poly.nstd_linkage                   no 
_entity_poly.nstd_monomer                   no 
_entity_poly.pdbx_seq_one_letter_code       
;MSLSNGELAILVFGYPETMANQVIAYFQEFGTILEDFEVLRKPQAMTVGLQDRQFVPIFSGNSWTKITYDNPASAVDALL
ENGAVFNGVLLGVIPYTKDAVERLQKRKLTSSEDIGSGITTAAAEGHHHHHH
;
_entity_poly.pdbx_seq_one_letter_code_can   
;MSLSNGELAILVFGYPETMANQVIAYFQEFGTILEDFEVLRKPQAMTVGLQDRQFVPIFSGNSWTKITYDNPASAVDALL
ENGAVFNGVLLGVIPYTKDAVERLQKRKLTSSEDIGSGITTAAAEGHHHHHH
;
_entity_poly.pdbx_strand_id                 A 
_entity_poly.pdbx_target_identifier         NYSGXRC-15053d 
# 
loop_
_entity_poly_seq.entity_id 
_entity_poly_seq.num 
_entity_poly_seq.mon_id 
_entity_poly_seq.hetero 
1 1   MET n 
1 2   SER n 
1 3   LEU n 
1 4   SER n 
1 5   ASN n 
1 6   GLY n 
1 7   GLU n 
1 8   LEU n 
1 9   ALA n 
1 10  ILE n 
1 11  LEU n 
1 12  VAL n 
1 13  PHE n 
1 14  GLY n 
1 15  TYR n 
1 16  PRO n 
1 17  GLU n 
1 18  THR n 
1 19  MET n 
1 20  ALA n 
1 21  ASN n 
1 22  GLN n 
1 23  VAL n 
1 24  ILE n 
1 25  ALA n 
1 26  TYR n 
1 27  PHE n 
1 28  GLN n 
1 29  GLU n 
1 30  PHE n 
1 31  GLY n 
1 32  THR n 
1 33  ILE n 
1 34  LEU n 
1 35  GLU n 
1 36  ASP n 
1 37  PHE n 
1 38  GLU n 
1 39  VAL n 
1 40  LEU n 
1 41  ARG n 
1 42  LYS n 
1 43  PRO n 
1 44  GLN n 
1 45  ALA n 
1 46  MET n 
1 47  THR n 
1 48  VAL n 
1 49  GLY n 
1 50  LEU n 
1 51  GLN n 
1 52  ASP n 
1 53  ARG n 
1 54  GLN n 
1 55  PHE n 
1 56  VAL n 
1 57  PRO n 
1 58  ILE n 
1 59  PHE n 
1 60  SER n 
1 61  GLY n 
1 62  ASN n 
1 63  SER n 
1 64  TRP n 
1 65  THR n 
1 66  LYS n 
1 67  ILE n 
1 68  THR n 
1 69  TYR n 
1 70  ASP n 
1 71  ASN n 
1 72  PRO n 
1 73  ALA n 
1 74  SER n 
1 75  ALA n 
1 76  VAL n 
1 77  ASP n 
1 78  ALA n 
1 79  LEU n 
1 80  LEU n 
1 81  GLU n 
1 82  ASN n 
1 83  GLY n 
1 84  ALA n 
1 85  VAL n 
1 86  PHE n 
1 87  ASN n 
1 88  GLY n 
1 89  VAL n 
1 90  LEU n 
1 91  LEU n 
1 92  GLY n 
1 93  VAL n 
1 94  ILE n 
1 95  PRO n 
1 96  TYR n 
1 97  THR n 
1 98  LYS n 
1 99  ASP n 
1 100 ALA n 
1 101 VAL n 
1 102 GLU n 
1 103 ARG n 
1 104 LEU n 
1 105 GLN n 
1 106 LYS n 
1 107 ARG n 
1 108 LYS n 
1 109 LEU n 
1 110 THR n 
1 111 SER n 
1 112 SER n 
1 113 GLU n 
1 114 ASP n 
1 115 ILE n 
1 116 GLY n 
1 117 SER n 
1 118 GLY n 
1 119 ILE n 
1 120 THR n 
1 121 THR n 
1 122 ALA n 
1 123 ALA n 
1 124 ALA n 
1 125 GLU n 
1 126 GLY n 
1 127 HIS n 
1 128 HIS n 
1 129 HIS n 
1 130 HIS n 
1 131 HIS n 
1 132 HIS n 
# 
_entity_src_gen.entity_id                          1 
_entity_src_gen.pdbx_src_id                        1 
_entity_src_gen.pdbx_alt_source_flag               sample 
_entity_src_gen.pdbx_seq_type                      ? 
_entity_src_gen.pdbx_beg_seq_num                   ? 
_entity_src_gen.pdbx_end_seq_num                   ? 
_entity_src_gen.gene_src_common_name               yeast 
_entity_src_gen.gene_src_genus                     ? 
_entity_src_gen.pdbx_gene_src_gene                 'NUP53 (gi146415668), PGUG_04532' 
_entity_src_gen.gene_src_species                   ? 
_entity_src_gen.gene_src_strain                    ? 
_entity_src_gen.gene_src_tissue                    ? 
_entity_src_gen.gene_src_tissue_fraction           ? 
_entity_src_gen.gene_src_details                   ? 
_entity_src_gen.pdbx_gene_src_fragment             ? 
_entity_src_gen.pdbx_gene_src_scientific_name      'Pichia guilliermondii' 
_entity_src_gen.pdbx_gene_src_ncbi_taxonomy_id     4929 
_entity_src_gen.pdbx_gene_src_variant              ? 
_entity_src_gen.pdbx_gene_src_cell_line            ? 
_entity_src_gen.pdbx_gene_src_atcc                 6260 
_entity_src_gen.pdbx_gene_src_organ                ? 
_entity_src_gen.pdbx_gene_src_organelle            ? 
_entity_src_gen.pdbx_gene_src_cell                 ? 
_entity_src_gen.pdbx_gene_src_cellular_location    ? 
_entity_src_gen.host_org_common_name               ? 
_entity_src_gen.pdbx_host_org_scientific_name      'Escherichia coli' 
_entity_src_gen.pdbx_host_org_ncbi_taxonomy_id     469008 
_entity_src_gen.host_org_genus                     ? 
_entity_src_gen.pdbx_host_org_gene                 ? 
_entity_src_gen.pdbx_host_org_organ                ? 
_entity_src_gen.host_org_species                   ? 
_entity_src_gen.pdbx_host_org_tissue               ? 
_entity_src_gen.pdbx_host_org_tissue_fraction      ? 
_entity_src_gen.pdbx_host_org_strain               'BL21(DE3)-Codon+RIL' 
_entity_src_gen.pdbx_host_org_variant              ? 
_entity_src_gen.pdbx_host_org_cell_line            ? 
_entity_src_gen.pdbx_host_org_atcc                 ? 
_entity_src_gen.pdbx_host_org_culture_collection   ? 
_entity_src_gen.pdbx_host_org_cell                 ? 
_entity_src_gen.pdbx_host_org_organelle            ? 
_entity_src_gen.pdbx_host_org_cellular_location    ? 
_entity_src_gen.pdbx_host_org_vector_type          plasmid 
_entity_src_gen.pdbx_host_org_vector               pET 
_entity_src_gen.host_org_details                   ? 
_entity_src_gen.expression_system_id               ? 
_entity_src_gen.plasmid_name                       'BC-pSGX3(BC); modified pET26b' 
_entity_src_gen.plasmid_details                    ? 
_entity_src_gen.pdbx_description                   ? 
# 
_struct_ref.id                         1 
_struct_ref.db_name                    UNP 
_struct_ref.db_code                    A5DMN1_PICGU 
_struct_ref.pdbx_db_accession          A5DMN1 
_struct_ref.entity_id                  1 
_struct_ref.pdbx_seq_one_letter_code   
;LSNGESAILVFGYPETMANQVIAYFQEFGTILEDFEVLRKPQAMTVGLQDKQFVPIFSGNSWTKITYDNPASAVDALLEN
GAVFNGVLLGVIPYTKDAVERLQKRKLTSSEDIGSGITTAAAE
;
_struct_ref.pdbx_align_begin           261 
_struct_ref.pdbx_db_isoform            ? 
# 
_struct_ref_seq.align_id                      1 
_struct_ref_seq.ref_id                        1 
_struct_ref_seq.pdbx_PDB_id_code              3P3D 
_struct_ref_seq.pdbx_strand_id                A 
_struct_ref_seq.seq_align_beg                 3 
_struct_ref_seq.pdbx_seq_align_beg_ins_code   ? 
_struct_ref_seq.seq_align_end                 125 
_struct_ref_seq.pdbx_seq_align_end_ins_code   ? 
_struct_ref_seq.pdbx_db_accession             A5DMN1 
_struct_ref_seq.db_align_beg                  261 
_struct_ref_seq.pdbx_db_align_beg_ins_code    ? 
_struct_ref_seq.db_align_end                  383 
_struct_ref_seq.pdbx_db_align_end_ins_code    ? 
_struct_ref_seq.pdbx_auth_seq_align_beg       261 
_struct_ref_seq.pdbx_auth_seq_align_end       383 
# 
loop_
_struct_ref_seq_dif.align_id 
_struct_ref_seq_dif.pdbx_pdb_id_code 
_struct_ref_seq_dif.mon_id 
_struct_ref_seq_dif.pdbx_pdb_strand_id 
_struct_ref_seq_dif.seq_num 
_struct_ref_seq_dif.pdbx_pdb_ins_code 
_struct_ref_seq_dif.pdbx_seq_db_name 
_struct_ref_seq_dif.pdbx_seq_db_accession_code 
_struct_ref_seq_dif.db_mon_id 
_struct_ref_seq_dif.pdbx_seq_db_seq_num 
_struct_ref_seq_dif.details 
_struct_ref_seq_dif.pdbx_auth_seq_num 
_struct_ref_seq_dif.pdbx_ordinal 
1 3P3D MET A 1   ? UNP A5DMN1 ?   ?   'expression tag' 259 1  
1 3P3D SER A 2   ? UNP A5DMN1 ?   ?   'expression tag' 260 2  
1 3P3D LEU A 8   ? UNP A5DMN1 SER 266 conflict         266 3  
1 3P3D ARG A 53  ? UNP A5DMN1 LYS 311 conflict         311 4  
1 3P3D GLY A 126 ? UNP A5DMN1 ?   ?   'expression tag' 384 5  
1 3P3D HIS A 127 ? UNP A5DMN1 ?   ?   'expression tag' 385 6  
1 3P3D HIS A 128 ? UNP A5DMN1 ?   ?   'expression tag' 386 7  
1 3P3D HIS A 129 ? UNP A5DMN1 ?   ?   'expression tag' 387 8  
1 3P3D HIS A 130 ? UNP A5DMN1 ?   ?   'expression tag' 388 9  
1 3P3D HIS A 131 ? UNP A5DMN1 ?   ?   'expression tag' 389 10 
1 3P3D HIS A 132 ? UNP A5DMN1 ?   ?   'expression tag' 390 11 
# 
loop_
_chem_comp.id 
_chem_comp.type 
_chem_comp.mon_nstd_flag 
_chem_comp.name 
_chem_comp.pdbx_synonyms 
_chem_comp.formula 
_chem_comp.formula_weight 
ALA 'L-peptide linking' y ALANINE         ? 'C3 H7 N O2'     89.093  
ARG 'L-peptide linking' y ARGININE        ? 'C6 H15 N4 O2 1' 175.209 
ASN 'L-peptide linking' y ASPARAGINE      ? 'C4 H8 N2 O3'    132.118 
ASP 'L-peptide linking' y 'ASPARTIC ACID' ? 'C4 H7 N O4'     133.103 
GLN 'L-peptide linking' y GLUTAMINE       ? 'C5 H10 N2 O3'   146.144 
GLU 'L-peptide linking' y 'GLUTAMIC ACID' ? 'C5 H9 N O4'     147.129 
GLY 'peptide linking'   y GLYCINE         ? 'C2 H5 N O2'     75.067  
HIS 'L-peptide linking' y HISTIDINE       ? 'C6 H10 N3 O2 1' 156.162 
HOH non-polymer         . WATER           ? 'H2 O'           18.015  
ILE 'L-peptide linking' y ISOLEUCINE      ? 'C6 H13 N O2'    131.173 
LEU 'L-peptide linking' y LEUCINE         ? 'C6 H13 N O2'    131.173 
LYS 'L-peptide linking' y LYSINE          ? 'C6 H15 N2 O2 1' 147.195 
MET 'L-peptide linking' y METHIONINE      ? 'C5 H11 N O2 S'  149.211 
PHE 'L-peptide linking' y PHENYLALANINE   ? 'C9 H11 N O2'    165.189 
PRO 'L-peptide linking' y PROLINE         ? 'C5 H9 N O2'     115.130 
SER 'L-peptide linking' y SERINE          ? 'C3 H7 N O3'     105.093 
THR 'L-peptide linking' y THREONINE       ? 'C4 H9 N O3'     119.119 
TRP 'L-peptide linking' y TRYPTOPHAN      ? 'C11 H12 N2 O2'  204.225 
TYR 'L-peptide linking' y TYROSINE        ? 'C9 H11 N O3'    181.189 
VAL 'L-peptide linking' y VALINE          ? 'C5 H11 N O2'    117.146 
# 
_exptl.crystals_number   1 
_exptl.entry_id          3P3D 
_exptl.method            'X-RAY DIFFRACTION' 
# 
_exptl_crystal.id                    1 
_exptl_crystal.density_Matthews      2.14 
_exptl_crystal.density_meas          ? 
_exptl_crystal.density_percent_sol   42.55 
_exptl_crystal.description           ? 
_exptl_crystal.F_000                 ? 
_exptl_crystal.preparation           ? 
# 
_exptl_crystal_grow.crystal_id      1 
_exptl_crystal_grow.method          'VAPOR DIFFUSION, SITTING DROP' 
_exptl_crystal_grow.pH              5.4 
_exptl_crystal_grow.temp            294 
_exptl_crystal_grow.pdbx_details    '100mM sodium acetate, 20% PEG 1500, pH 5.4, VAPOR DIFFUSION, SITTING DROP, temperature 294K' 
_exptl_crystal_grow.temp_details    ? 
_exptl_crystal_grow.pdbx_pH_range   ? 
# 
_diffrn.id                     1 
_diffrn.ambient_temp           100 
_diffrn.ambient_temp_details   ? 
_diffrn.crystal_id             1 
# 
_diffrn_detector.diffrn_id              1 
_diffrn_detector.detector               CCD 
_diffrn_detector.type                   'RAYONIX MX225HE' 
_diffrn_detector.pdbx_collection_date   2010-06-24 
_diffrn_detector.details                ? 
# 
_diffrn_radiation.diffrn_id                        1 
_diffrn_radiation.pdbx_diffrn_protocol             'SINGLE WAVELENGTH' 
_diffrn_radiation.monochromator                    diamond 
_diffrn_radiation.wavelength_id                    1 
_diffrn_radiation.pdbx_monochromatic_or_laue_m_l   M 
_diffrn_radiation.pdbx_scattering_type             x-ray 
# 
_diffrn_radiation_wavelength.id           1 
_diffrn_radiation_wavelength.wavelength   0.97929 
_diffrn_radiation_wavelength.wt           1.0 
# 
_diffrn_source.diffrn_id                   1 
_diffrn_source.source                      SYNCHROTRON 
_diffrn_source.type                        'APS BEAMLINE 31-ID' 
_diffrn_source.pdbx_wavelength_list        0.97929 
_diffrn_source.pdbx_wavelength             ? 
_diffrn_source.pdbx_synchrotron_site       APS 
_diffrn_source.pdbx_synchrotron_beamline   31-ID 
# 
_reflns.entry_id                     3P3D 
_reflns.observed_criterion_sigma_F   ? 
_reflns.observed_criterion_sigma_I   ? 
_reflns.d_resolution_high            2.35 
_reflns.d_resolution_low             38.62 
_reflns.number_all                   ? 
_reflns.number_obs                   5437 
_reflns.percent_possible_obs         99.8 
_reflns.pdbx_Rmerge_I_obs            ? 
_reflns.pdbx_Rsym_value              0.085 
_reflns.pdbx_netI_over_sigmaI        21.1 
_reflns.B_iso_Wilson_estimate        59.0 
_reflns.pdbx_redundancy              21.0 
_reflns.R_free_details               ? 
_reflns.limit_h_max                  ? 
_reflns.limit_h_min                  ? 
_reflns.limit_k_max                  ? 
_reflns.limit_k_min                  ? 
_reflns.limit_l_max                  ? 
_reflns.limit_l_min                  ? 
_reflns.observed_criterion_F_max     ? 
_reflns.observed_criterion_F_min     ? 
_reflns.pdbx_chi_squared             ? 
_reflns.pdbx_scaling_rejects         ? 
_reflns.pdbx_diffrn_id               1 
_reflns.pdbx_ordinal                 1 
# 
_reflns_shell.d_res_high             2.35 
_reflns_shell.d_res_low              2.48 
_reflns_shell.percent_possible_obs   ? 
_reflns_shell.percent_possible_all   100.0 
_reflns_shell.Rmerge_I_obs           ? 
_reflns_shell.meanI_over_sigI_obs    6.5 
_reflns_shell.pdbx_Rsym_value        0.406 
_reflns_shell.pdbx_redundancy        21.9 
_reflns_shell.number_unique_all      782 
_reflns_shell.number_measured_all    ? 
_reflns_shell.number_measured_obs    ? 
_reflns_shell.number_unique_obs      ? 
_reflns_shell.pdbx_chi_squared       ? 
_reflns_shell.pdbx_diffrn_id         ? 
_reflns_shell.pdbx_ordinal           1 
# 
_refine.entry_id                                 3P3D 
_refine.ls_d_res_high                            2.3500 
_refine.ls_d_res_low                             20.4600 
_refine.pdbx_ls_sigma_F                          0.000 
_refine.pdbx_data_cutoff_high_absF               ? 
_refine.pdbx_data_cutoff_low_absF                ? 
_refine.ls_percent_reflns_obs                    99.7600 
_refine.ls_number_reflns_obs                     5403 
_refine.ls_number_reflns_all                     ? 
_refine.pdbx_ls_cross_valid_method               THROUGHOUT 
_refine.pdbx_R_Free_selection_details            RANDOM 
_refine.details                                  
'HYDROGENS HAVE BEEN ADDED IN THE RIDING POSITIONS U VALUES      : REFINED INDIVIDUALLY' 
_refine.ls_R_factor_all                          ? 
_refine.ls_R_factor_obs                          0.2447 
_refine.ls_R_factor_R_work                       0.2379 
_refine.ls_wR_factor_R_work                      ? 
_refine.ls_R_factor_R_free                       0.2876 
_refine.ls_wR_factor_R_free                      ? 
_refine.ls_percent_reflns_R_free                 13.7000 
_refine.ls_number_reflns_R_free                  742 
_refine.ls_R_factor_R_free_error                 ? 
_refine.B_iso_mean                               45.3917 
_refine.solvent_model_param_bsol                 ? 
_refine.solvent_model_param_ksol                 ? 
_refine.pdbx_isotropic_thermal_model             ? 
_refine.aniso_B[1][1]                            -0.1800 
_refine.aniso_B[2][2]                            -0.1800 
_refine.aniso_B[3][3]                            0.2700 
_refine.aniso_B[1][2]                            -0.0900 
_refine.aniso_B[1][3]                            0.0000 
_refine.aniso_B[2][3]                            0.0000 
_refine.correlation_coeff_Fo_to_Fc               0.9350 
_refine.correlation_coeff_Fo_to_Fc_free          0.9100 
_refine.overall_SU_R_Cruickshank_DPI             ? 
_refine.overall_SU_R_free                        ? 
_refine.pdbx_overall_ESU_R_Free                  0.2730 
_refine.overall_SU_ML                            0.2020 
_refine.overall_SU_B                             8.5770 
_refine.solvent_model_details                    'BABINET MODEL WITH MASK' 
_refine.pdbx_solvent_vdw_probe_radii             1.4000 
_refine.pdbx_solvent_ion_probe_radii             0.8000 
_refine.pdbx_solvent_shrinkage_radii             0.8000 
_refine.ls_number_parameters                     ? 
_refine.ls_number_restraints                     ? 
_refine.pdbx_starting_model                      'Poly-Ala of 1WWH' 
_refine.pdbx_method_to_determine_struct          'MOLECULAR REPLACEMENT' 
_refine.pdbx_stereochemistry_target_values       'MAXIMUM LIKELIHOOD' 
_refine.pdbx_stereochem_target_val_spec_case     ? 
_refine.overall_FOM_work_R_set                   ? 
_refine.B_iso_max                                75.060 
_refine.B_iso_min                                29.770 
_refine.occupancy_max                            1.000 
_refine.occupancy_min                            1.000 
_refine.pdbx_ls_sigma_I                          ? 
_refine.ls_redundancy_reflns_obs                 ? 
_refine.ls_R_factor_R_free_error_details         ? 
_refine.pdbx_data_cutoff_high_rms_absF           ? 
_refine.overall_FOM_free_R_set                   ? 
_refine.pdbx_overall_phase_error                 ? 
_refine.pdbx_refine_id                           'X-RAY DIFFRACTION' 
_refine.pdbx_overall_ESU_R                       0.353 
_refine.pdbx_diffrn_id                           1 
_refine.pdbx_TLS_residual_ADP_flag               ? 
_refine.pdbx_overall_SU_R_free_Cruickshank_DPI   ? 
_refine.pdbx_overall_SU_R_Blow_DPI               ? 
_refine.pdbx_overall_SU_R_free_Blow_DPI          ? 
# 
_refine_hist.pdbx_refine_id                   'X-RAY DIFFRACTION' 
_refine_hist.cycle_id                         LAST 
_refine_hist.pdbx_number_atoms_protein        668 
_refine_hist.pdbx_number_atoms_nucleic_acid   0 
_refine_hist.pdbx_number_atoms_ligand         0 
_refine_hist.number_atoms_solvent             20 
_refine_hist.number_atoms_total               688 
_refine_hist.d_res_high                       2.3500 
_refine_hist.d_res_low                        20.4600 
# 
loop_
_refine_ls_restr.type 
_refine_ls_restr.number 
_refine_ls_restr.dev_ideal 
_refine_ls_restr.dev_ideal_target 
_refine_ls_restr.weight 
_refine_ls_restr.pdbx_refine_id 
_refine_ls_restr.pdbx_restraint_function 
r_bond_refined_d       684  0.013  0.022  ? 'X-RAY DIFFRACTION' ? 
r_bond_other_d         434  0.001  0.020  ? 'X-RAY DIFFRACTION' ? 
r_angle_refined_deg    935  1.420  1.958  ? 'X-RAY DIFFRACTION' ? 
r_angle_other_deg      1061 0.874  3.000  ? 'X-RAY DIFFRACTION' ? 
r_dihedral_angle_1_deg 85   7.111  5.000  ? 'X-RAY DIFFRACTION' ? 
r_dihedral_angle_2_deg 29   34.909 24.483 ? 'X-RAY DIFFRACTION' ? 
r_dihedral_angle_3_deg 97   14.846 15.000 ? 'X-RAY DIFFRACTION' ? 
r_dihedral_angle_4_deg 2    20.663 15.000 ? 'X-RAY DIFFRACTION' ? 
r_chiral_restr         110  0.074  0.200  ? 'X-RAY DIFFRACTION' ? 
r_gen_planes_refined   761  0.011  0.021  ? 'X-RAY DIFFRACTION' ? 
r_gen_planes_other     144  0.001  0.020  ? 'X-RAY DIFFRACTION' ? 
r_mcbond_it            432  0.711  1.500  ? 'X-RAY DIFFRACTION' ? 
r_mcbond_other         174  0.126  1.500  ? 'X-RAY DIFFRACTION' ? 
r_mcangle_it           695  1.382  2.000  ? 'X-RAY DIFFRACTION' ? 
r_scbond_it            252  1.849  3.000  ? 'X-RAY DIFFRACTION' ? 
r_scangle_it           240  3.141  4.500  ? 'X-RAY DIFFRACTION' ? 
# 
_refine_ls_shell.d_res_high                       2.3530 
_refine_ls_shell.d_res_low                        2.4130 
_refine_ls_shell.pdbx_total_number_of_bins_used   20 
_refine_ls_shell.percent_reflns_obs               100.0000 
_refine_ls_shell.number_reflns_R_work             339 
_refine_ls_shell.R_factor_all                     ? 
_refine_ls_shell.R_factor_R_work                  0.3670 
_refine_ls_shell.R_factor_R_free                  0.4790 
_refine_ls_shell.percent_reflns_R_free            ? 
_refine_ls_shell.number_reflns_R_free             45 
_refine_ls_shell.R_factor_R_free_error            ? 
_refine_ls_shell.number_reflns_all                384 
_refine_ls_shell.number_reflns_obs                ? 
_refine_ls_shell.redundancy_reflns_obs            ? 
_refine_ls_shell.pdbx_refine_id                   'X-RAY DIFFRACTION' 
# 
_struct.entry_id                  3P3D 
_struct.title                     'Crystal structure of the Nup53 RRM domain from Pichia guilliermondii' 
_struct.pdbx_model_details        ? 
_struct.pdbx_CASP_flag            ? 
_struct.pdbx_model_type_details   ? 
# 
_struct_keywords.entry_id        3P3D 
_struct_keywords.text            
;STRUCTURAL GENOMICS, PSI-2, PROTEIN STRUCTURE INITIATIVE, NEW YORK STRUCTURAL GENOMIX RESEARCH CONSORTIUM, NYSGXRC, Protein Transport, component of Nuclear Pore Complex, New York SGX Research Center for Structural Genomics, NUCLEAR PROTEIN
;
_struct_keywords.pdbx_keywords   'NUCLEAR PROTEIN' 
# 
loop_
_struct_asym.id 
_struct_asym.pdbx_blank_PDB_chainid_flag 
_struct_asym.pdbx_modified 
_struct_asym.entity_id 
_struct_asym.details 
A N N 1 ? 
B N N 2 ? 
# 
_struct_biol.id        1 
_struct_biol.details   ? 
# 
loop_
_struct_conf.conf_type_id 
_struct_conf.id 
_struct_conf.pdbx_PDB_helix_id 
_struct_conf.beg_label_comp_id 
_struct_conf.beg_label_asym_id 
_struct_conf.beg_label_seq_id 
_struct_conf.pdbx_beg_PDB_ins_code 
_struct_conf.end_label_comp_id 
_struct_conf.end_label_asym_id 
_struct_conf.end_label_seq_id 
_struct_conf.pdbx_end_PDB_ins_code 
_struct_conf.beg_auth_comp_id 
_struct_conf.beg_auth_asym_id 
_struct_conf.beg_auth_seq_id 
_struct_conf.end_auth_comp_id 
_struct_conf.end_auth_asym_id 
_struct_conf.end_auth_seq_id 
_struct_conf.pdbx_PDB_helix_class 
_struct_conf.details 
_struct_conf.pdbx_PDB_helix_length 
HELX_P HELX_P1 1 PRO A 16 ? THR A 18  ? PRO A 274 THR A 276 5 ? 3  
HELX_P HELX_P2 2 MET A 19 ? GLN A 28  ? MET A 277 GLN A 286 1 ? 10 
HELX_P HELX_P3 3 GLU A 29 ? GLY A 31  ? GLU A 287 GLY A 289 5 ? 3  
HELX_P HELX_P4 4 PHE A 37 ? ARG A 41  ? PHE A 295 ARG A 299 5 ? 5  
HELX_P HELX_P5 5 ASN A 71 ? LEU A 80  ? ASN A 329 LEU A 338 1 ? 10 
HELX_P HELX_P6 6 THR A 97 ? GLN A 105 ? THR A 355 GLN A 363 1 ? 9  
# 
_struct_conf_type.id          HELX_P 
_struct_conf_type.criteria    ? 
_struct_conf_type.reference   ? 
# 
loop_
_struct_sheet.id 
_struct_sheet.type 
_struct_sheet.number_strands 
_struct_sheet.details 
A ? 4 ? 
B ? 2 ? 
# 
loop_
_struct_sheet_order.sheet_id 
_struct_sheet_order.range_id_1 
_struct_sheet_order.range_id_2 
_struct_sheet_order.offset 
_struct_sheet_order.sense 
A 1 2 ? anti-parallel 
A 2 3 ? anti-parallel 
A 3 4 ? anti-parallel 
B 1 2 ? anti-parallel 
# 
loop_
_struct_sheet_range.sheet_id 
_struct_sheet_range.id 
_struct_sheet_range.beg_label_comp_id 
_struct_sheet_range.beg_label_asym_id 
_struct_sheet_range.beg_label_seq_id 
_struct_sheet_range.pdbx_beg_PDB_ins_code 
_struct_sheet_range.end_label_comp_id 
_struct_sheet_range.end_label_asym_id 
_struct_sheet_range.end_label_seq_id 
_struct_sheet_range.pdbx_end_PDB_ins_code 
_struct_sheet_range.beg_auth_comp_id 
_struct_sheet_range.beg_auth_asym_id 
_struct_sheet_range.beg_auth_seq_id 
_struct_sheet_range.end_auth_comp_id 
_struct_sheet_range.end_auth_asym_id 
_struct_sheet_range.end_auth_seq_id 
A 1 SER A 60 ? GLY A 61 ? SER A 318 GLY A 319 
A 2 TRP A 64 ? THR A 68 ? TRP A 322 THR A 326 
A 3 ALA A 9  ? PHE A 13 ? ALA A 267 PHE A 271 
A 4 GLY A 92 ? PRO A 95 ? GLY A 350 PRO A 353 
B 1 VAL A 85 ? PHE A 86 ? VAL A 343 PHE A 344 
B 2 VAL A 89 ? LEU A 90 ? VAL A 347 LEU A 348 
# 
loop_
_pdbx_struct_sheet_hbond.sheet_id 
_pdbx_struct_sheet_hbond.range_id_1 
_pdbx_struct_sheet_hbond.range_id_2 
_pdbx_struct_sheet_hbond.range_1_label_atom_id 
_pdbx_struct_sheet_hbond.range_1_label_comp_id 
_pdbx_struct_sheet_hbond.range_1_label_asym_id 
_pdbx_struct_sheet_hbond.range_1_label_seq_id 
_pdbx_struct_sheet_hbond.range_1_PDB_ins_code 
_pdbx_struct_sheet_hbond.range_1_auth_atom_id 
_pdbx_struct_sheet_hbond.range_1_auth_comp_id 
_pdbx_struct_sheet_hbond.range_1_auth_asym_id 
_pdbx_struct_sheet_hbond.range_1_auth_seq_id 
_pdbx_struct_sheet_hbond.range_2_label_atom_id 
_pdbx_struct_sheet_hbond.range_2_label_comp_id 
_pdbx_struct_sheet_hbond.range_2_label_asym_id 
_pdbx_struct_sheet_hbond.range_2_label_seq_id 
_pdbx_struct_sheet_hbond.range_2_PDB_ins_code 
_pdbx_struct_sheet_hbond.range_2_auth_atom_id 
_pdbx_struct_sheet_hbond.range_2_auth_comp_id 
_pdbx_struct_sheet_hbond.range_2_auth_asym_id 
_pdbx_struct_sheet_hbond.range_2_auth_seq_id 
A 1 2 N GLY A 61 ? N GLY A 319 O TRP A 64 ? O TRP A 322 
A 2 3 O THR A 65 ? O THR A 323 N VAL A 12 ? N VAL A 270 
A 3 4 N LEU A 11 ? N LEU A 269 O ILE A 94 ? O ILE A 352 
B 1 2 N PHE A 86 ? N PHE A 344 O VAL A 89 ? O VAL A 347 
# 
_atom_sites.entry_id                    3P3D 
_atom_sites.fract_transf_matrix[1][1]   0.00724703 
_atom_sites.fract_transf_matrix[1][2]   0.01603642 
_atom_sites.fract_transf_matrix[1][3]   0.00561888 
_atom_sites.fract_transf_matrix[2][1]   0.01798137 
_atom_sites.fract_transf_matrix[2][2]   0.00339883 
_atom_sites.fract_transf_matrix[2][3]   -0.00252390 
_atom_sites.fract_transf_matrix[3][1]   -0.00365719 
_atom_sites.fract_transf_matrix[3][2]   0.00732556 
_atom_sites.fract_transf_matrix[3][3]   -0.01619042 
_atom_sites.fract_transf_vector[1]      -0.347044 
_atom_sites.fract_transf_vector[2]      0.084923 
_atom_sites.fract_transf_vector[3]      0.193160 
# 
loop_
_atom_type.symbol 
C 
N 
O 
S 
# 
loop_
_atom_site.group_PDB 
_atom_site.id 
_atom_site.type_symbol 
_atom_site.label_atom_id 
_atom_site.label_alt_id 
_atom_site.label_comp_id 
_atom_site.label_asym_id 
_atom_site.label_entity_id 
_atom_site.label_seq_id 
_atom_site.pdbx_PDB_ins_code 
_atom_site.Cartn_x 
_atom_site.Cartn_y 
_atom_site.Cartn_z 
_atom_site.occupancy 
_atom_site.B_iso_or_equiv 
_atom_site.pdbx_formal_charge 
_atom_site.auth_seq_id 
_atom_site.auth_comp_id 
_atom_site.auth_asym_id 
_atom_site.auth_atom_id 
_atom_site.pdbx_PDB_model_num 
ATOM   1   N N   . LEU A 1 8   ? -3.870  -7.345  -8.699  1.00 37.62 ? 266 LEU A N   1 
ATOM   2   C CA  . LEU A 1 8   ? -2.563  -6.612  -8.739  1.00 38.10 ? 266 LEU A CA  1 
ATOM   3   C C   . LEU A 1 8   ? -2.404  -5.522  -7.670  1.00 36.44 ? 266 LEU A C   1 
ATOM   4   O O   . LEU A 1 8   ? -1.355  -4.894  -7.593  1.00 36.00 ? 266 LEU A O   1 
ATOM   5   C CB  . LEU A 1 8   ? -2.289  -5.960  -10.119 1.00 38.42 ? 266 LEU A CB  1 
ATOM   6   C CG  . LEU A 1 8   ? -2.541  -6.809  -11.368 1.00 41.24 ? 266 LEU A CG  1 
ATOM   7   C CD1 . LEU A 1 8   ? -1.862  -6.198  -12.563 1.00 41.91 ? 266 LEU A CD1 1 
ATOM   8   C CD2 . LEU A 1 8   ? -2.129  -8.293  -11.157 1.00 44.30 ? 266 LEU A CD2 1 
ATOM   9   N N   . ALA A 1 9   ? -3.439  -5.293  -6.880  1.00 35.91 ? 267 ALA A N   1 
ATOM   10  C CA  . ALA A 1 9   ? -3.409  -4.284  -5.828  1.00 35.19 ? 267 ALA A CA  1 
ATOM   11  C C   . ALA A 1 9   ? -3.393  -4.965  -4.484  1.00 34.70 ? 267 ALA A C   1 
ATOM   12  O O   . ALA A 1 9   ? -3.816  -6.111  -4.343  1.00 33.86 ? 267 ALA A O   1 
ATOM   13  C CB  . ALA A 1 9   ? -4.610  -3.351  -5.917  1.00 34.60 ? 267 ALA A CB  1 
ATOM   14  N N   . ILE A 1 10  ? -2.906  -4.226  -3.495  1.00 34.35 ? 268 ILE A N   1 
ATOM   15  C CA  . ILE A 1 10  ? -2.863  -4.703  -2.135  1.00 34.04 ? 268 ILE A CA  1 
ATOM   16  C C   . ILE A 1 10  ? -3.453  -3.614  -1.289  1.00 34.59 ? 268 ILE A C   1 
ATOM   17  O O   . ILE A 1 10  ? -3.473  -2.435  -1.706  1.00 34.99 ? 268 ILE A O   1 
ATOM   18  C CB  . ILE A 1 10  ? -1.387  -5.034  -1.682  1.00 33.54 ? 268 ILE A CB  1 
ATOM   19  C CG1 . ILE A 1 10  ? -0.495  -3.793  -1.666  1.00 33.15 ? 268 ILE A CG1 1 
ATOM   20  C CG2 . ILE A 1 10  ? -0.771  -6.109  -2.576  1.00 31.90 ? 268 ILE A CG2 1 
ATOM   21  C CD1 . ILE A 1 10  ? 0.945   -4.045  -1.259  1.00 32.05 ? 268 ILE A CD1 1 
ATOM   22  N N   . LEU A 1 11  ? -3.925  -4.002  -0.110  1.00 35.19 ? 269 LEU A N   1 
ATOM   23  C CA  . LEU A 1 11  ? -4.172  -3.055  0.976   1.00 35.75 ? 269 LEU A CA  1 
ATOM   24  C C   . LEU A 1 11  ? -3.063  -3.096  2.046   1.00 36.21 ? 269 LEU A C   1 
ATOM   25  O O   . LEU A 1 11  ? -2.814  -4.148  2.609   1.00 36.34 ? 269 LEU A O   1 
ATOM   26  C CB  . LEU A 1 11  ? -5.505  -3.376  1.596   1.00 35.73 ? 269 LEU A CB  1 
ATOM   27  C CG  . LEU A 1 11  ? -6.683  -3.146  0.637   1.00 35.60 ? 269 LEU A CG  1 
ATOM   28  C CD1 . LEU A 1 11  ? -7.931  -3.802  1.172   1.00 35.47 ? 269 LEU A CD1 1 
ATOM   29  C CD2 . LEU A 1 11  ? -6.899  -1.665  0.412   1.00 35.04 ? 269 LEU A CD2 1 
ATOM   30  N N   . VAL A 1 12  ? -2.382  -1.975  2.305   1.00 37.16 ? 270 VAL A N   1 
ATOM   31  C CA  . VAL A 1 12  ? -1.433  -1.897  3.429   1.00 37.97 ? 270 VAL A CA  1 
ATOM   32  C C   . VAL A 1 12  ? -2.081  -1.132  4.565   1.00 38.11 ? 270 VAL A C   1 
ATOM   33  O O   . VAL A 1 12  ? -2.748  -0.136  4.342   1.00 38.51 ? 270 VAL A O   1 
ATOM   34  C CB  . VAL A 1 12  ? -0.037  -1.280  3.059   1.00 38.14 ? 270 VAL A CB  1 
ATOM   35  C CG1 . VAL A 1 12  ? 0.571   -1.968  1.851   1.00 37.34 ? 270 VAL A CG1 1 
ATOM   36  C CG2 . VAL A 1 12  ? -0.139  0.181   2.789   1.00 40.83 ? 270 VAL A CG2 1 
ATOM   37  N N   . PHE A 1 13  ? -1.887  -1.595  5.794   1.00 38.65 ? 271 PHE A N   1 
ATOM   38  C CA  . PHE A 1 13  ? -2.626  -1.030  6.924   1.00 38.53 ? 271 PHE A CA  1 
ATOM   39  C C   . PHE A 1 13  ? -1.925  -1.175  8.269   1.00 39.88 ? 271 PHE A C   1 
ATOM   40  O O   . PHE A 1 13  ? -1.016  -1.978  8.421   1.00 40.45 ? 271 PHE A O   1 
ATOM   41  C CB  . PHE A 1 13  ? -4.026  -1.682  7.002   1.00 37.92 ? 271 PHE A CB  1 
ATOM   42  C CG  . PHE A 1 13  ? -4.013  -3.179  7.289   1.00 33.62 ? 271 PHE A CG  1 
ATOM   43  C CD1 . PHE A 1 13  ? -4.034  -3.648  8.585   1.00 30.55 ? 271 PHE A CD1 1 
ATOM   44  C CD2 . PHE A 1 13  ? -3.999  -4.106  6.265   1.00 31.50 ? 271 PHE A CD2 1 
ATOM   45  C CE1 . PHE A 1 13  ? -4.021  -4.993  8.856   1.00 29.77 ? 271 PHE A CE1 1 
ATOM   46  C CE2 . PHE A 1 13  ? -3.997  -5.487  6.540   1.00 31.31 ? 271 PHE A CE2 1 
ATOM   47  C CZ  . PHE A 1 13  ? -4.005  -5.922  7.824   1.00 30.12 ? 271 PHE A CZ  1 
ATOM   48  N N   . GLY A 1 14  ? -2.403  -0.402  9.242   1.00 41.67 ? 272 GLY A N   1 
ATOM   49  C CA  . GLY A 1 14  ? -2.006  -0.512  10.647  1.00 42.39 ? 272 GLY A CA  1 
ATOM   50  C C   . GLY A 1 14  ? -0.986  0.518   11.119  1.00 43.26 ? 272 GLY A C   1 
ATOM   51  O O   . GLY A 1 14  ? -0.479  0.424   12.230  1.00 42.82 ? 272 GLY A O   1 
ATOM   52  N N   . TYR A 1 15  ? -0.717  1.522   10.287  1.00 44.31 ? 273 TYR A N   1 
ATOM   53  C CA  . TYR A 1 15  ? 0.320   2.513   10.554  1.00 45.26 ? 273 TYR A CA  1 
ATOM   54  C C   . TYR A 1 15  ? -0.334  3.785   11.080  1.00 46.67 ? 273 TYR A C   1 
ATOM   55  O O   . TYR A 1 15  ? -1.496  4.065   10.740  1.00 47.16 ? 273 TYR A O   1 
ATOM   56  C CB  . TYR A 1 15  ? 1.136   2.804   9.288   1.00 45.22 ? 273 TYR A CB  1 
ATOM   57  C CG  . TYR A 1 15  ? 0.296   3.139   8.070   1.00 45.12 ? 273 TYR A CG  1 
ATOM   58  C CD1 . TYR A 1 15  ? -0.143  4.436   7.846   1.00 45.02 ? 273 TYR A CD1 1 
ATOM   59  C CD2 . TYR A 1 15  ? -0.070  2.161   7.150   1.00 43.55 ? 273 TYR A CD2 1 
ATOM   60  C CE1 . TYR A 1 15  ? -0.925  4.750   6.760   1.00 43.87 ? 273 TYR A CE1 1 
ATOM   61  C CE2 . TYR A 1 15  ? -0.857  2.474   6.049   1.00 42.22 ? 273 TYR A CE2 1 
ATOM   62  C CZ  . TYR A 1 15  ? -1.278  3.770   5.870   1.00 43.44 ? 273 TYR A CZ  1 
ATOM   63  O OH  . TYR A 1 15  ? -2.041  4.131   4.796   1.00 41.91 ? 273 TYR A OH  1 
ATOM   64  N N   . PRO A 1 16  ? 0.383   4.550   11.935  1.00 47.50 ? 274 PRO A N   1 
ATOM   65  C CA  . PRO A 1 16  ? -0.134  5.872   12.294  1.00 48.13 ? 274 PRO A CA  1 
ATOM   66  C C   . PRO A 1 16  ? -0.173  6.757   11.057  1.00 48.55 ? 274 PRO A C   1 
ATOM   67  O O   . PRO A 1 16  ? 0.733   6.657   10.240  1.00 48.48 ? 274 PRO A O   1 
ATOM   68  C CB  . PRO A 1 16  ? 0.894   6.406   13.307  1.00 48.21 ? 274 PRO A CB  1 
ATOM   69  C CG  . PRO A 1 16  ? 1.649   5.203   13.790  1.00 48.05 ? 274 PRO A CG  1 
ATOM   70  C CD  . PRO A 1 16  ? 1.631   4.226   12.655  1.00 47.63 ? 274 PRO A CD  1 
ATOM   71  N N   . GLU A 1 17  ? -1.200  7.602   10.921  1.00 49.03 ? 275 GLU A N   1 
ATOM   72  C CA  . GLU A 1 17  ? -1.361  8.428   9.722   1.00 49.58 ? 275 GLU A CA  1 
ATOM   73  C C   . GLU A 1 17  ? -0.109  9.292   9.445   1.00 50.04 ? 275 GLU A C   1 
ATOM   74  O O   . GLU A 1 17  ? 0.263   9.535   8.283   1.00 50.77 ? 275 GLU A O   1 
ATOM   75  C CB  . GLU A 1 17  ? -2.631  9.297   9.813   1.00 49.39 ? 275 GLU A CB  1 
ATOM   76  N N   . THR A 1 18  ? 0.571   9.724   10.501  1.00 50.19 ? 276 THR A N   1 
ATOM   77  C CA  . THR A 1 18  ? 1.807   10.481  10.342  1.00 50.21 ? 276 THR A CA  1 
ATOM   78  C C   . THR A 1 18  ? 2.861   9.734   9.494   1.00 49.76 ? 276 THR A C   1 
ATOM   79  O O   . THR A 1 18  ? 3.775   10.354  8.951   1.00 50.04 ? 276 THR A O   1 
ATOM   80  C CB  . THR A 1 18  ? 2.434   10.796  11.701  1.00 50.47 ? 276 THR A CB  1 
ATOM   81  O OG1 . THR A 1 18  ? 3.078   12.073  11.626  1.00 52.97 ? 276 THR A OG1 1 
ATOM   82  C CG2 . THR A 1 18  ? 3.458   9.713   12.095  1.00 50.20 ? 276 THR A CG2 1 
ATOM   83  N N   . MET A 1 19  ? 2.713   8.415   9.378   1.00 48.73 ? 277 MET A N   1 
ATOM   84  C CA  . MET A 1 19  ? 3.725   7.541   8.778   1.00 48.30 ? 277 MET A CA  1 
ATOM   85  C C   . MET A 1 19  ? 3.428   7.079   7.342   1.00 47.77 ? 277 MET A C   1 
ATOM   86  O O   . MET A 1 19  ? 4.237   6.370   6.748   1.00 47.29 ? 277 MET A O   1 
ATOM   87  C CB  . MET A 1 19  ? 3.865   6.300   9.652   1.00 48.20 ? 277 MET A CB  1 
ATOM   88  C CG  . MET A 1 19  ? 5.282   5.792   9.755   1.00 48.34 ? 277 MET A CG  1 
ATOM   89  S SD  . MET A 1 19  ? 5.363   4.406   10.897  1.00 47.44 ? 277 MET A SD  1 
ATOM   90  C CE  . MET A 1 19  ? 5.721   3.168   9.712   1.00 40.70 ? 277 MET A CE  1 
ATOM   91  N N   . ALA A 1 20  ? 2.278   7.485   6.797   1.00 47.25 ? 278 ALA A N   1 
ATOM   92  C CA  . ALA A 1 20  ? 1.771   6.985   5.505   1.00 46.52 ? 278 ALA A CA  1 
ATOM   93  C C   . ALA A 1 20  ? 2.787   7.025   4.380   1.00 45.74 ? 278 ALA A C   1 
ATOM   94  O O   . ALA A 1 20  ? 3.028   6.022   3.714   1.00 45.57 ? 278 ALA A O   1 
ATOM   95  C CB  . ALA A 1 20  ? 0.522   7.769   5.087   1.00 46.37 ? 278 ALA A CB  1 
ATOM   96  N N   . ASN A 1 21  ? 3.372   8.192   4.165   1.00 45.11 ? 279 ASN A N   1 
ATOM   97  C CA  . ASN A 1 21  ? 4.290   8.381   3.051   1.00 44.88 ? 279 ASN A CA  1 
ATOM   98  C C   . ASN A 1 21  ? 5.539   7.524   3.135   1.00 44.01 ? 279 ASN A C   1 
ATOM   99  O O   . ASN A 1 21  ? 6.005   7.025   2.104   1.00 43.78 ? 279 ASN A O   1 
ATOM   100 C CB  . ASN A 1 21  ? 4.673   9.844   2.905   1.00 45.60 ? 279 ASN A CB  1 
ATOM   101 C CG  . ASN A 1 21  ? 3.545   10.682  2.342   1.00 47.23 ? 279 ASN A CG  1 
ATOM   102 O OD1 . ASN A 1 21  ? 2.657   10.173  1.643   1.00 49.95 ? 279 ASN A OD1 1 
ATOM   103 N ND2 . ASN A 1 21  ? 3.575   11.981  2.637   1.00 48.17 ? 279 ASN A ND2 1 
ATOM   104 N N   . GLN A 1 22  ? 6.054   7.323   4.349   1.00 42.77 ? 280 GLN A N   1 
ATOM   105 C CA  . GLN A 1 22  ? 7.200   6.442   4.545   1.00 42.27 ? 280 GLN A CA  1 
ATOM   106 C C   . GLN A 1 22  ? 6.830   5.018   4.135   1.00 40.69 ? 280 GLN A C   1 
ATOM   107 O O   . GLN A 1 22  ? 7.673   4.272   3.600   1.00 39.55 ? 280 GLN A O   1 
ATOM   108 C CB  . GLN A 1 22  ? 7.666   6.443   6.008   1.00 42.86 ? 280 GLN A CB  1 
ATOM   109 C CG  . GLN A 1 22  ? 8.090   7.808   6.576   1.00 46.04 ? 280 GLN A CG  1 
ATOM   110 C CD  . GLN A 1 22  ? 8.469   7.732   8.064   1.00 51.40 ? 280 GLN A CD  1 
ATOM   111 O OE1 . GLN A 1 22  ? 9.313   6.909   8.463   1.00 54.82 ? 280 GLN A OE1 1 
ATOM   112 N NE2 . GLN A 1 22  ? 7.825   8.564   8.893   1.00 51.63 ? 280 GLN A NE2 1 
ATOM   113 N N   . VAL A 1 23  ? 5.567   4.652   4.383   1.00 39.49 ? 281 VAL A N   1 
ATOM   114 C CA  . VAL A 1 23  ? 5.083   3.295   4.121   1.00 38.39 ? 281 VAL A CA  1 
ATOM   115 C C   . VAL A 1 23  ? 4.909   3.109   2.630   1.00 38.12 ? 281 VAL A C   1 
ATOM   116 O O   . VAL A 1 23  ? 5.343   2.109   2.070   1.00 37.34 ? 281 VAL A O   1 
ATOM   117 C CB  . VAL A 1 23  ? 3.750   3.009   4.824   1.00 38.70 ? 281 VAL A CB  1 
ATOM   118 C CG1 . VAL A 1 23  ? 3.202   1.669   4.361   1.00 37.12 ? 281 VAL A CG1 1 
ATOM   119 C CG2 . VAL A 1 23  ? 3.918   3.047   6.362   1.00 37.41 ? 281 VAL A CG2 1 
ATOM   120 N N   . ILE A 1 24  ? 4.304   4.104   1.983   1.00 37.83 ? 282 ILE A N   1 
ATOM   121 C CA  . ILE A 1 24  ? 4.098   4.058   0.539   1.00 37.24 ? 282 ILE A CA  1 
ATOM   122 C C   . ILE A 1 24  ? 5.458   3.970   -0.117  1.00 37.04 ? 282 ILE A C   1 
ATOM   123 O O   . ILE A 1 24  ? 5.682   3.132   -0.966  1.00 37.55 ? 282 ILE A O   1 
ATOM   124 C CB  . ILE A 1 24  ? 3.285   5.288   0.039   1.00 37.44 ? 282 ILE A CB  1 
ATOM   125 C CG1 . ILE A 1 24  ? 1.842   5.208   0.562   1.00 37.51 ? 282 ILE A CG1 1 
ATOM   126 C CG2 . ILE A 1 24  ? 3.235   5.350   -1.511  1.00 35.86 ? 282 ILE A CG2 1 
ATOM   127 C CD1 . ILE A 1 24  ? 1.083   6.557   0.528   1.00 37.05 ? 282 ILE A CD1 1 
ATOM   128 N N   . ALA A 1 25  ? 6.382   4.815   0.319   1.00 36.64 ? 283 ALA A N   1 
ATOM   129 C CA  . ALA A 1 25  ? 7.726   4.825   -0.231  1.00 36.43 ? 283 ALA A CA  1 
ATOM   130 C C   . ALA A 1 25  ? 8.389   3.462   -0.114  1.00 36.17 ? 283 ALA A C   1 
ATOM   131 O O   . ALA A 1 25  ? 9.012   2.964   -1.059  1.00 35.93 ? 283 ALA A O   1 
ATOM   132 C CB  . ALA A 1 25  ? 8.562   5.871   0.471   1.00 35.89 ? 283 ALA A CB  1 
ATOM   133 N N   . TYR A 1 26  ? 8.261   2.853   1.055   1.00 35.72 ? 284 TYR A N   1 
ATOM   134 C CA  . TYR A 1 26  ? 8.832   1.540   1.253   1.00 35.26 ? 284 TYR A CA  1 
ATOM   135 C C   . TYR A 1 26  ? 8.225   0.565   0.241   1.00 34.21 ? 284 TYR A C   1 
ATOM   136 O O   . TYR A 1 26  ? 8.951   -0.210  -0.381  1.00 32.80 ? 284 TYR A O   1 
ATOM   137 C CB  . TYR A 1 26  ? 8.608   1.088   2.698   1.00 36.08 ? 284 TYR A CB  1 
ATOM   138 C CG  . TYR A 1 26  ? 8.989   -0.341  2.981   1.00 37.76 ? 284 TYR A CG  1 
ATOM   139 C CD1 . TYR A 1 26  ? 10.327  -0.717  3.136   1.00 41.16 ? 284 TYR A CD1 1 
ATOM   140 C CD2 . TYR A 1 26  ? 8.016   -1.309  3.109   1.00 40.00 ? 284 TYR A CD2 1 
ATOM   141 C CE1 . TYR A 1 26  ? 10.676  -2.043  3.409   1.00 43.29 ? 284 TYR A CE1 1 
ATOM   142 C CE2 . TYR A 1 26  ? 8.341   -2.620  3.382   1.00 41.93 ? 284 TYR A CE2 1 
ATOM   143 C CZ  . TYR A 1 26  ? 9.658   -2.983  3.538   1.00 44.89 ? 284 TYR A CZ  1 
ATOM   144 O OH  . TYR A 1 26  ? 9.939   -4.301  3.806   1.00 49.71 ? 284 TYR A OH  1 
ATOM   145 N N   . PHE A 1 27  ? 6.904   0.626   0.030   1.00 33.44 ? 285 PHE A N   1 
ATOM   146 C CA  . PHE A 1 27  ? 6.279   -0.365  -0.854  1.00 32.96 ? 285 PHE A CA  1 
ATOM   147 C C   . PHE A 1 27  ? 6.617   -0.221  -2.351  1.00 33.14 ? 285 PHE A C   1 
ATOM   148 O O   . PHE A 1 27  ? 6.371   -1.150  -3.128  1.00 32.28 ? 285 PHE A O   1 
ATOM   149 C CB  . PHE A 1 27  ? 4.785   -0.465  -0.600  1.00 32.97 ? 285 PHE A CB  1 
ATOM   150 C CG  . PHE A 1 27  ? 4.471   -1.342  0.563   1.00 32.39 ? 285 PHE A CG  1 
ATOM   151 C CD1 . PHE A 1 27  ? 4.524   -0.837  1.854   1.00 31.35 ? 285 PHE A CD1 1 
ATOM   152 C CD2 . PHE A 1 27  ? 4.210   -2.679  0.382   1.00 30.31 ? 285 PHE A CD2 1 
ATOM   153 C CE1 . PHE A 1 27  ? 4.309   -1.641  2.940   1.00 31.08 ? 285 PHE A CE1 1 
ATOM   154 C CE2 . PHE A 1 27  ? 3.999   -3.493  1.462   1.00 30.95 ? 285 PHE A CE2 1 
ATOM   155 C CZ  . PHE A 1 27  ? 4.041   -2.973  2.749   1.00 30.56 ? 285 PHE A CZ  1 
ATOM   156 N N   . GLN A 1 28  ? 7.222   0.903   -2.740  1.00 32.71 ? 286 GLN A N   1 
ATOM   157 C CA  . GLN A 1 28  ? 7.757   1.034   -4.086  1.00 33.50 ? 286 GLN A CA  1 
ATOM   158 C C   . GLN A 1 28  ? 8.914   0.073   -4.365  1.00 32.79 ? 286 GLN A C   1 
ATOM   159 O O   . GLN A 1 28  ? 9.194   -0.261  -5.508  1.00 32.80 ? 286 GLN A O   1 
ATOM   160 C CB  . GLN A 1 28  ? 8.191   2.479   -4.358  1.00 33.55 ? 286 GLN A CB  1 
ATOM   161 C CG  . GLN A 1 28  ? 8.822   2.690   -5.726  1.00 35.77 ? 286 GLN A CG  1 
ATOM   162 C CD  . GLN A 1 28  ? 9.051   4.172   -6.033  1.00 37.50 ? 286 GLN A CD  1 
ATOM   163 O OE1 . GLN A 1 28  ? 9.918   4.806   -5.440  1.00 39.03 ? 286 GLN A OE1 1 
ATOM   164 N NE2 . GLN A 1 28  ? 8.274   4.714   -6.964  1.00 35.51 ? 286 GLN A NE2 1 
ATOM   165 N N   . GLU A 1 29  ? 9.566   -0.395  -3.320  1.00 33.37 ? 287 GLU A N   1 
ATOM   166 C CA  . GLU A 1 29  ? 10.637  -1.376  -3.472  1.00 34.50 ? 287 GLU A CA  1 
ATOM   167 C C   . GLU A 1 29  ? 10.177  -2.687  -4.118  1.00 35.03 ? 287 GLU A C   1 
ATOM   168 O O   . GLU A 1 29  ? 11.009  -3.462  -4.571  1.00 34.93 ? 287 GLU A O   1 
ATOM   169 C CB  . GLU A 1 29  ? 11.256  -1.685  -2.102  1.00 35.00 ? 287 GLU A CB  1 
ATOM   170 C CG  . GLU A 1 29  ? 12.036  -0.499  -1.497  1.00 36.55 ? 287 GLU A CG  1 
ATOM   171 C CD  . GLU A 1 29  ? 12.682  -0.820  -0.149  1.00 39.47 ? 287 GLU A CD  1 
ATOM   172 O OE1 . GLU A 1 29  ? 12.920  -2.023  0.161   1.00 37.80 ? 287 GLU A OE1 1 
ATOM   173 O OE2 . GLU A 1 29  ? 12.939  0.154   0.600   1.00 41.04 ? 287 GLU A OE2 1 
ATOM   174 N N   . PHE A 1 30  ? 8.865   -2.945  -4.137  1.00 34.91 ? 288 PHE A N   1 
ATOM   175 C CA  . PHE A 1 30  ? 8.337   -4.187  -4.699  1.00 35.56 ? 288 PHE A CA  1 
ATOM   176 C C   . PHE A 1 30  ? 7.942   -4.076  -6.168  1.00 35.58 ? 288 PHE A C   1 
ATOM   177 O O   . PHE A 1 30  ? 7.786   -5.089  -6.870  1.00 34.83 ? 288 PHE A O   1 
ATOM   178 C CB  . PHE A 1 30  ? 7.177   -4.681  -3.827  1.00 35.47 ? 288 PHE A CB  1 
ATOM   179 C CG  . PHE A 1 30  ? 7.577   -4.826  -2.402  1.00 35.04 ? 288 PHE A CG  1 
ATOM   180 C CD1 . PHE A 1 30  ? 8.617   -5.680  -2.070  1.00 34.95 ? 288 PHE A CD1 1 
ATOM   181 C CD2 . PHE A 1 30  ? 6.997   -4.053  -1.412  1.00 34.56 ? 288 PHE A CD2 1 
ATOM   182 C CE1 . PHE A 1 30  ? 9.056   -5.795  -0.770  1.00 34.26 ? 288 PHE A CE1 1 
ATOM   183 C CE2 . PHE A 1 30  ? 7.428   -4.151  -0.111  1.00 35.08 ? 288 PHE A CE2 1 
ATOM   184 C CZ  . PHE A 1 30  ? 8.475   -5.019  0.212   1.00 34.88 ? 288 PHE A CZ  1 
ATOM   185 N N   . GLY A 1 31  ? 7.808   -2.846  -6.635  1.00 36.07 ? 289 GLY A N   1 
ATOM   186 C CA  . GLY A 1 31  ? 7.388   -2.617  -8.014  1.00 36.94 ? 289 GLY A CA  1 
ATOM   187 C C   . GLY A 1 31  ? 6.990   -1.174  -8.209  1.00 37.25 ? 289 GLY A C   1 
ATOM   188 O O   . GLY A 1 31  ? 6.833   -0.428  -7.249  1.00 36.91 ? 289 GLY A O   1 
ATOM   189 N N   . THR A 1 32  ? 6.848   -0.795  -9.468  1.00 38.28 ? 290 THR A N   1 
ATOM   190 C CA  . THR A 1 32  ? 6.308   0.498   -9.828  1.00 38.88 ? 290 THR A CA  1 
ATOM   191 C C   . THR A 1 32  ? 4.889   0.621   -9.330  1.00 39.27 ? 290 THR A C   1 
ATOM   192 O O   . THR A 1 32  ? 4.085   -0.272  -9.543  1.00 39.12 ? 290 THR A O   1 
ATOM   193 C CB  . THR A 1 32  ? 6.329   0.659   -11.349 1.00 39.56 ? 290 THR A CB  1 
ATOM   194 O OG1 . THR A 1 32  ? 7.698   0.754   -11.758 1.00 40.28 ? 290 THR A OG1 1 
ATOM   195 C CG2 . THR A 1 32  ? 5.544   1.953   -11.803 1.00 40.11 ? 290 THR A CG2 1 
ATOM   196 N N   . ILE A 1 33  ? 4.581   1.724   -8.655  1.00 39.74 ? 291 ILE A N   1 
ATOM   197 C CA  . ILE A 1 33  ? 3.236   1.937   -8.152  1.00 40.51 ? 291 ILE A CA  1 
ATOM   198 C C   . ILE A 1 33  ? 2.418   2.809   -9.134  1.00 41.45 ? 291 ILE A C   1 
ATOM   199 O O   . ILE A 1 33  ? 2.933   3.786   -9.678  1.00 41.75 ? 291 ILE A O   1 
ATOM   200 C CB  . ILE A 1 33  ? 3.288   2.526   -6.718  1.00 40.21 ? 291 ILE A CB  1 
ATOM   201 C CG1 . ILE A 1 33  ? 3.861   1.459   -5.758  1.00 39.04 ? 291 ILE A CG1 1 
ATOM   202 C CG2 . ILE A 1 33  ? 1.891   2.970   -6.271  1.00 39.04 ? 291 ILE A CG2 1 
ATOM   203 C CD1 . ILE A 1 33  ? 4.130   1.940   -4.353  1.00 34.92 ? 291 ILE A CD1 1 
ATOM   204 N N   . LEU A 1 34  ? 1.160   2.448   -9.361  1.00 42.63 ? 292 LEU A N   1 
ATOM   205 C CA  . LEU A 1 34  ? 0.330   3.129   -10.393 1.00 44.07 ? 292 LEU A CA  1 
ATOM   206 C C   . LEU A 1 34  ? -0.370  4.376   -9.867  1.00 44.65 ? 292 LEU A C   1 
ATOM   207 O O   . LEU A 1 34  ? -0.471  5.369   -10.575 1.00 45.33 ? 292 LEU A O   1 
ATOM   208 C CB  . LEU A 1 34  ? -0.736  2.203   -10.989 1.00 43.96 ? 292 LEU A CB  1 
ATOM   209 C CG  . LEU A 1 34  ? -0.288  1.081   -11.925 1.00 44.36 ? 292 LEU A CG  1 
ATOM   210 C CD1 . LEU A 1 34  ? -1.527  0.571   -12.633 1.00 45.20 ? 292 LEU A CD1 1 
ATOM   211 C CD2 . LEU A 1 34  ? 0.756   1.516   -12.952 1.00 45.43 ? 292 LEU A CD2 1 
ATOM   212 N N   . GLU A 1 35  ? -0.856  4.324   -8.632  1.00 45.01 ? 293 GLU A N   1 
ATOM   213 C CA  . GLU A 1 35  ? -1.364  5.511   -7.991  1.00 45.20 ? 293 GLU A CA  1 
ATOM   214 C C   . GLU A 1 35  ? -0.322  6.623   -8.093  1.00 45.81 ? 293 GLU A C   1 
ATOM   215 O O   . GLU A 1 35  ? 0.890   6.350   -8.068  1.00 46.05 ? 293 GLU A O   1 
ATOM   216 C CB  . GLU A 1 35  ? -1.690  5.238   -6.521  1.00 45.14 ? 293 GLU A CB  1 
ATOM   217 C CG  . GLU A 1 35  ? -2.942  4.423   -6.265  1.00 44.62 ? 293 GLU A CG  1 
ATOM   218 C CD  . GLU A 1 35  ? -2.757  2.913   -6.395  1.00 45.58 ? 293 GLU A CD  1 
ATOM   219 O OE1 . GLU A 1 35  ? -1.610  2.452   -6.618  1.00 46.74 ? 293 GLU A OE1 1 
ATOM   220 O OE2 . GLU A 1 35  ? -3.773  2.179   -6.296  1.00 42.73 ? 293 GLU A OE2 1 
ATOM   221 N N   . ASP A 1 36  ? -0.804  7.865   -8.201  1.00 46.51 ? 294 ASP A N   1 
ATOM   222 C CA  . ASP A 1 36  ? 0.031   9.080   -8.226  1.00 47.11 ? 294 ASP A CA  1 
ATOM   223 C C   . ASP A 1 36  ? 0.213   9.681   -6.824  1.00 47.01 ? 294 ASP A C   1 
ATOM   224 O O   . ASP A 1 36  ? -0.207  10.826  -6.577  1.00 47.66 ? 294 ASP A O   1 
ATOM   225 C CB  . ASP A 1 36  ? -0.584  10.145  -9.160  1.00 47.39 ? 294 ASP A CB  1 
ATOM   226 C CG  . ASP A 1 36  ? 0.284   11.433  -9.277  1.00 50.90 ? 294 ASP A CG  1 
ATOM   227 O OD1 . ASP A 1 36  ? 1.539   11.380  -9.087  1.00 54.22 ? 294 ASP A OD1 1 
ATOM   228 O OD2 . ASP A 1 36  ? -0.298  12.512  -9.566  1.00 53.78 ? 294 ASP A OD2 1 
ATOM   229 N N   . PHE A 1 37  ? 0.839   8.932   -5.907  1.00 46.28 ? 295 PHE A N   1 
ATOM   230 C CA  . PHE A 1 37  ? 1.140   9.476   -4.574  1.00 45.52 ? 295 PHE A CA  1 
ATOM   231 C C   . PHE A 1 37  ? 2.241   10.529  -4.703  1.00 45.86 ? 295 PHE A C   1 
ATOM   232 O O   . PHE A 1 37  ? 3.197   10.359  -5.471  1.00 45.77 ? 295 PHE A O   1 
ATOM   233 C CB  . PHE A 1 37  ? 1.577   8.384   -3.582  1.00 44.91 ? 295 PHE A CB  1 
ATOM   234 C CG  . PHE A 1 37  ? 0.521   7.360   -3.303  1.00 43.19 ? 295 PHE A CG  1 
ATOM   235 C CD1 . PHE A 1 37  ? -0.588  7.679   -2.551  1.00 42.59 ? 295 PHE A CD1 1 
ATOM   236 C CD2 . PHE A 1 37  ? 0.630   6.076   -3.806  1.00 42.02 ? 295 PHE A CD2 1 
ATOM   237 C CE1 . PHE A 1 37  ? -1.569  6.735   -2.305  1.00 41.98 ? 295 PHE A CE1 1 
ATOM   238 C CE2 . PHE A 1 37  ? -0.339  5.133   -3.559  1.00 40.67 ? 295 PHE A CE2 1 
ATOM   239 C CZ  . PHE A 1 37  ? -1.439  5.463   -2.807  1.00 41.20 ? 295 PHE A CZ  1 
ATOM   240 N N   . GLU A 1 38  ? 2.089   11.604  -3.941  1.00 45.99 ? 296 GLU A N   1 
ATOM   241 C CA  . GLU A 1 38  ? 3.032   12.706  -3.937  1.00 46.58 ? 296 GLU A CA  1 
ATOM   242 C C   . GLU A 1 38  ? 4.470   12.243  -3.686  1.00 46.50 ? 296 GLU A C   1 
ATOM   243 O O   . GLU A 1 38  ? 5.388   12.692  -4.343  1.00 46.12 ? 296 GLU A O   1 
ATOM   244 C CB  . GLU A 1 38  ? 2.612   13.754  -2.886  1.00 46.48 ? 296 GLU A CB  1 
ATOM   245 N N   . VAL A 1 39  ? 4.658   11.317  -2.754  1.00 46.70 ? 297 VAL A N   1 
ATOM   246 C CA  . VAL A 1 39  ? 6.007   10.873  -2.413  1.00 46.38 ? 297 VAL A CA  1 
ATOM   247 C C   . VAL A 1 39  ? 6.665   10.040  -3.492  1.00 46.63 ? 297 VAL A C   1 
ATOM   248 O O   . VAL A 1 39  ? 7.856   9.826   -3.422  1.00 46.91 ? 297 VAL A O   1 
ATOM   249 C CB  . VAL A 1 39  ? 6.036   10.085  -1.086  1.00 46.57 ? 297 VAL A CB  1 
ATOM   250 C CG1 . VAL A 1 39  ? 5.447   8.658   -1.277  1.00 44.66 ? 297 VAL A CG1 1 
ATOM   251 C CG2 . VAL A 1 39  ? 7.466   10.076  -0.518  1.00 45.13 ? 297 VAL A CG2 1 
ATOM   252 N N   . LEU A 1 40  ? 5.909   9.566   -4.483  1.00 47.35 ? 298 LEU A N   1 
ATOM   253 C CA  . LEU A 1 40  ? 6.484   8.809   -5.592  1.00 47.59 ? 298 LEU A CA  1 
ATOM   254 C C   . LEU A 1 40  ? 6.725   9.643   -6.834  1.00 48.88 ? 298 LEU A C   1 
ATOM   255 O O   . LEU A 1 40  ? 7.167   9.116   -7.859  1.00 47.92 ? 298 LEU A O   1 
ATOM   256 C CB  . LEU A 1 40  ? 5.569   7.668   -5.986  1.00 47.49 ? 298 LEU A CB  1 
ATOM   257 C CG  . LEU A 1 40  ? 5.149   6.717   -4.880  1.00 47.68 ? 298 LEU A CG  1 
ATOM   258 C CD1 . LEU A 1 40  ? 4.266   5.636   -5.496  1.00 45.72 ? 298 LEU A CD1 1 
ATOM   259 C CD2 . LEU A 1 40  ? 6.365   6.140   -4.155  1.00 45.78 ? 298 LEU A CD2 1 
ATOM   260 N N   . ARG A 1 41  ? 6.456   10.943  -6.744  1.00 50.83 ? 299 ARG A N   1 
ATOM   261 C CA  . ARG A 1 41  ? 6.381   11.781  -7.939  1.00 52.41 ? 299 ARG A CA  1 
ATOM   262 C C   . ARG A 1 41  ? 7.778   12.171  -8.403  1.00 53.18 ? 299 ARG A C   1 
ATOM   263 O O   . ARG A 1 41  ? 8.571   12.717  -7.641  1.00 52.34 ? 299 ARG A O   1 
ATOM   264 C CB  . ARG A 1 41  ? 5.516   13.019  -7.674  1.00 52.79 ? 299 ARG A CB  1 
ATOM   265 C CG  . ARG A 1 41  ? 4.659   13.454  -8.843  1.00 55.65 ? 299 ARG A CG  1 
ATOM   266 C CD  . ARG A 1 41  ? 3.586   14.440  -8.355  1.00 58.92 ? 299 ARG A CD  1 
ATOM   267 N NE  . ARG A 1 41  ? 2.367   13.777  -7.877  1.00 60.70 ? 299 ARG A NE  1 
ATOM   268 C CZ  . ARG A 1 41  ? 1.549   14.273  -6.943  1.00 63.39 ? 299 ARG A CZ  1 
ATOM   269 N NH1 . ARG A 1 41  ? 1.823   15.427  -6.339  1.00 64.90 ? 299 ARG A NH1 1 
ATOM   270 N NH2 . ARG A 1 41  ? 0.464   13.598  -6.577  1.00 63.66 ? 299 ARG A NH2 1 
ATOM   271 N N   . LYS A 1 42  ? 8.059   11.856  -9.663  1.00 54.85 ? 300 LYS A N   1 
ATOM   272 C CA  . LYS A 1 42  ? 9.302   12.210  -10.332 1.00 56.18 ? 300 LYS A CA  1 
ATOM   273 C C   . LYS A 1 42  ? 9.241   13.671  -10.842 1.00 57.58 ? 300 LYS A C   1 
ATOM   274 O O   . LYS A 1 42  ? 8.248   14.364  -10.626 1.00 57.64 ? 300 LYS A O   1 
ATOM   275 C CB  . LYS A 1 42  ? 9.509   11.234  -11.505 1.00 56.07 ? 300 LYS A CB  1 
ATOM   276 C CG  . LYS A 1 42  ? 9.652   9.758   -11.079 1.00 55.54 ? 300 LYS A CG  1 
ATOM   277 C CD  . LYS A 1 42  ? 9.376   8.780   -12.227 1.00 55.41 ? 300 LYS A CD  1 
ATOM   278 C CE  . LYS A 1 42  ? 10.056  7.404   -12.072 1.00 54.32 ? 300 LYS A CE  1 
ATOM   279 N NZ  . LYS A 1 42  ? 9.816   6.706   -10.773 1.00 52.35 ? 300 LYS A NZ  1 
ATOM   280 N N   . PRO A 1 43  ? 10.337  14.174  -11.436 1.00 59.38 ? 301 PRO A N   1 
ATOM   281 C CA  . PRO A 1 43  ? 10.235  15.248  -12.435 1.00 59.99 ? 301 PRO A CA  1 
ATOM   282 C C   . PRO A 1 43  ? 11.244  15.099  -13.600 1.00 60.37 ? 301 PRO A C   1 
ATOM   283 O O   . PRO A 1 43  ? 10.891  14.614  -14.688 1.00 60.50 ? 301 PRO A O   1 
ATOM   284 C CB  . PRO A 1 43  ? 10.566  16.491  -11.606 1.00 59.97 ? 301 PRO A CB  1 
ATOM   285 C CG  . PRO A 1 43  ? 11.482  15.950  -10.457 1.00 60.24 ? 301 PRO A CG  1 
ATOM   286 C CD  . PRO A 1 43  ? 11.505  14.420  -10.580 1.00 59.63 ? 301 PRO A CD  1 
ATOM   287 N N   . PHE A 1 55  ? -3.671  5.590   -15.236 1.00 67.02 ? 313 PHE A N   1 
ATOM   288 C CA  . PHE A 1 55  ? -4.292  6.223   -14.078 1.00 66.68 ? 313 PHE A CA  1 
ATOM   289 C C   . PHE A 1 55  ? -5.166  5.254   -13.270 1.00 65.96 ? 313 PHE A C   1 
ATOM   290 O O   . PHE A 1 55  ? -6.202  4.770   -13.758 1.00 65.59 ? 313 PHE A O   1 
ATOM   291 C CB  . PHE A 1 55  ? -5.146  7.435   -14.496 1.00 66.97 ? 313 PHE A CB  1 
ATOM   292 C CG  . PHE A 1 55  ? -5.670  8.237   -13.324 1.00 67.88 ? 313 PHE A CG  1 
ATOM   293 C CD1 . PHE A 1 55  ? -4.995  9.367   -12.879 1.00 68.06 ? 313 PHE A CD1 1 
ATOM   294 C CD2 . PHE A 1 55  ? -6.814  7.832   -12.634 1.00 68.80 ? 313 PHE A CD2 1 
ATOM   295 C CE1 . PHE A 1 55  ? -5.464  10.095  -11.776 1.00 69.20 ? 313 PHE A CE1 1 
ATOM   296 C CE2 . PHE A 1 55  ? -7.294  8.559   -11.533 1.00 69.15 ? 313 PHE A CE2 1 
ATOM   297 C CZ  . PHE A 1 55  ? -6.616  9.688   -11.104 1.00 68.84 ? 313 PHE A CZ  1 
ATOM   298 N N   . VAL A 1 56  ? -4.736  4.981   -12.034 1.00 64.95 ? 314 VAL A N   1 
ATOM   299 C CA  . VAL A 1 56  ? -5.611  4.403   -11.025 1.00 64.13 ? 314 VAL A CA  1 
ATOM   300 C C   . VAL A 1 56  ? -5.854  5.470   -9.982  1.00 63.32 ? 314 VAL A C   1 
ATOM   301 O O   . VAL A 1 56  ? -4.963  6.271   -9.696  1.00 63.48 ? 314 VAL A O   1 
ATOM   302 C CB  . VAL A 1 56  ? -5.029  3.162   -10.341 1.00 63.91 ? 314 VAL A CB  1 
ATOM   303 C CG1 . VAL A 1 56  ? -4.819  2.056   -11.350 1.00 64.27 ? 314 VAL A CG1 1 
ATOM   304 C CG2 . VAL A 1 56  ? -3.741  3.503   -9.620  1.00 64.73 ? 314 VAL A CG2 1 
ATOM   305 N N   . PRO A 1 57  ? -7.064  5.492   -9.415  1.00 62.40 ? 315 PRO A N   1 
ATOM   306 C CA  . PRO A 1 57  ? -7.397  6.474   -8.395  1.00 61.90 ? 315 PRO A CA  1 
ATOM   307 C C   . PRO A 1 57  ? -6.981  5.994   -7.018  1.00 60.95 ? 315 PRO A C   1 
ATOM   308 O O   . PRO A 1 57  ? -6.942  4.794   -6.761  1.00 61.05 ? 315 PRO A O   1 
ATOM   309 C CB  . PRO A 1 57  ? -8.921  6.562   -8.485  1.00 61.98 ? 315 PRO A CB  1 
ATOM   310 C CG  . PRO A 1 57  ? -9.335  5.159   -8.905  1.00 62.62 ? 315 PRO A CG  1 
ATOM   311 C CD  . PRO A 1 57  ? -8.172  4.548   -9.658  1.00 62.53 ? 315 PRO A CD  1 
ATOM   312 N N   . ILE A 1 58  ? -6.698  6.946   -6.142  1.00 60.10 ? 316 ILE A N   1 
ATOM   313 C CA  . ILE A 1 58  ? -6.210  6.658   -4.805  1.00 59.23 ? 316 ILE A CA  1 
ATOM   314 C C   . ILE A 1 58  ? -7.360  6.308   -3.874  1.00 59.01 ? 316 ILE A C   1 
ATOM   315 O O   . ILE A 1 58  ? -8.269  7.104   -3.679  1.00 58.87 ? 316 ILE A O   1 
ATOM   316 C CB  . ILE A 1 58  ? -5.453  7.874   -4.238  1.00 59.07 ? 316 ILE A CB  1 
ATOM   317 C CG1 . ILE A 1 58  ? -4.204  8.144   -5.085  1.00 57.98 ? 316 ILE A CG1 1 
ATOM   318 C CG2 . ILE A 1 58  ? -5.108  7.665   -2.772  1.00 58.46 ? 316 ILE A CG2 1 
ATOM   319 C CD1 . ILE A 1 58  ? -3.437  9.389   -4.682  1.00 57.52 ? 316 ILE A CD1 1 
ATOM   320 N N   . PHE A 1 59  ? -7.317  5.101   -3.320  1.00 58.67 ? 317 PHE A N   1 
ATOM   321 C CA  . PHE A 1 59  ? -8.183  4.711   -2.229  1.00 58.60 ? 317 PHE A CA  1 
ATOM   322 C C   . PHE A 1 59  ? -7.351  4.599   -0.973  1.00 58.09 ? 317 PHE A C   1 
ATOM   323 O O   . PHE A 1 59  ? -6.403  3.808   -0.921  1.00 58.39 ? 317 PHE A O   1 
ATOM   324 C CB  . PHE A 1 59  ? -8.845  3.378   -2.512  1.00 58.61 ? 317 PHE A CB  1 
ATOM   325 C CG  . PHE A 1 59  ? -10.040 3.488   -3.377  1.00 61.26 ? 317 PHE A CG  1 
ATOM   326 C CD1 . PHE A 1 59  ? -11.184 4.132   -2.908  1.00 63.96 ? 317 PHE A CD1 1 
ATOM   327 C CD2 . PHE A 1 59  ? -10.039 2.964   -4.663  1.00 64.36 ? 317 PHE A CD2 1 
ATOM   328 C CE1 . PHE A 1 59  ? -12.310 4.254   -3.701  1.00 64.81 ? 317 PHE A CE1 1 
ATOM   329 C CE2 . PHE A 1 59  ? -11.171 3.073   -5.472  1.00 65.87 ? 317 PHE A CE2 1 
ATOM   330 C CZ  . PHE A 1 59  ? -12.312 3.719   -4.984  1.00 65.08 ? 317 PHE A CZ  1 
ATOM   331 N N   . SER A 1 60  ? -7.696  5.397   0.031   1.00 57.08 ? 318 SER A N   1 
ATOM   332 C CA  . SER A 1 60  ? -7.003  5.363   1.310   1.00 56.60 ? 318 SER A CA  1 
ATOM   333 C C   . SER A 1 60  ? -7.889  5.965   2.380   1.00 56.70 ? 318 SER A C   1 
ATOM   334 O O   . SER A 1 60  ? -8.908  6.589   2.082   1.00 57.20 ? 318 SER A O   1 
ATOM   335 C CB  . SER A 1 60  ? -5.642  6.078   1.255   1.00 56.31 ? 318 SER A CB  1 
ATOM   336 O OG  . SER A 1 60  ? -5.750  7.476   1.066   1.00 55.53 ? 318 SER A OG  1 
ATOM   337 N N   . GLY A 1 61  ? -7.515  5.728   3.626   1.00 56.25 ? 319 GLY A N   1 
ATOM   338 C CA  . GLY A 1 61  ? -8.214  6.265   4.766   1.00 56.14 ? 319 GLY A CA  1 
ATOM   339 C C   . GLY A 1 61  ? -7.169  6.441   5.828   1.00 56.08 ? 319 GLY A C   1 
ATOM   340 O O   . GLY A 1 61  ? -5.978  6.478   5.524   1.00 56.44 ? 319 GLY A O   1 
ATOM   341 N N   . ASN A 1 62  ? -7.597  6.548   7.077   1.00 55.72 ? 320 ASN A N   1 
ATOM   342 C CA  . ASN A 1 62  ? -6.647  6.645   8.167   1.00 55.30 ? 320 ASN A CA  1 
ATOM   343 C C   . ASN A 1 62  ? -6.149  5.234   8.482   1.00 53.78 ? 320 ASN A C   1 
ATOM   344 O O   . ASN A 1 62  ? -6.954  4.317   8.674   1.00 53.68 ? 320 ASN A O   1 
ATOM   345 C CB  . ASN A 1 62  ? -7.263  7.353   9.391   1.00 55.95 ? 320 ASN A CB  1 
ATOM   346 C CG  . ASN A 1 62  ? -7.299  8.885   9.221   1.00 58.66 ? 320 ASN A CG  1 
ATOM   347 O OD1 . ASN A 1 62  ? -6.535  9.618   9.871   1.00 60.87 ? 320 ASN A OD1 1 
ATOM   348 N ND2 . ASN A 1 62  ? -8.166  9.368   8.313   1.00 60.12 ? 320 ASN A ND2 1 
ATOM   349 N N   . SER A 1 63  ? -4.822  5.077   8.485   1.00 51.67 ? 321 SER A N   1 
ATOM   350 C CA  . SER A 1 63  ? -4.151  3.792   8.694   1.00 50.38 ? 321 SER A CA  1 
ATOM   351 C C   . SER A 1 63  ? -4.342  2.717   7.602   1.00 48.64 ? 321 SER A C   1 
ATOM   352 O O   . SER A 1 63  ? -4.142  1.537   7.867   1.00 48.42 ? 321 SER A O   1 
ATOM   353 C CB  . SER A 1 63  ? -4.511  3.209   10.071  1.00 50.37 ? 321 SER A CB  1 
ATOM   354 O OG  . SER A 1 63  ? -4.055  4.065   11.102  1.00 51.56 ? 321 SER A OG  1 
ATOM   355 N N   . TRP A 1 64  ? -4.699  3.095   6.383   1.00 47.12 ? 322 TRP A N   1 
ATOM   356 C CA  . TRP A 1 64  ? -4.708  2.105   5.300   1.00 46.55 ? 322 TRP A CA  1 
ATOM   357 C C   . TRP A 1 64  ? -4.637  2.742   3.926   1.00 45.34 ? 322 TRP A C   1 
ATOM   358 O O   . TRP A 1 64  ? -5.140  3.831   3.728   1.00 44.76 ? 322 TRP A O   1 
ATOM   359 C CB  . TRP A 1 64  ? -5.925  1.160   5.396   1.00 46.58 ? 322 TRP A CB  1 
ATOM   360 C CG  . TRP A 1 64  ? -7.241  1.774   5.015   1.00 48.23 ? 322 TRP A CG  1 
ATOM   361 C CD1 . TRP A 1 64  ? -8.139  2.396   5.851   1.00 49.23 ? 322 TRP A CD1 1 
ATOM   362 C CD2 . TRP A 1 64  ? -7.817  1.824   3.705   1.00 49.54 ? 322 TRP A CD2 1 
ATOM   363 N NE1 . TRP A 1 64  ? -9.227  2.826   5.138   1.00 50.16 ? 322 TRP A NE1 1 
ATOM   364 C CE2 . TRP A 1 64  ? -9.059  2.488   3.819   1.00 50.11 ? 322 TRP A CE2 1 
ATOM   365 C CE3 . TRP A 1 64  ? -7.407  1.362   2.444   1.00 49.21 ? 322 TRP A CE3 1 
ATOM   366 C CZ2 . TRP A 1 64  ? -9.894  2.714   2.716   1.00 51.01 ? 322 TRP A CZ2 1 
ATOM   367 C CZ3 . TRP A 1 64  ? -8.235  1.580   1.353   1.00 49.24 ? 322 TRP A CZ3 1 
ATOM   368 C CH2 . TRP A 1 64  ? -9.464  2.251   1.494   1.00 50.81 ? 322 TRP A CH2 1 
ATOM   369 N N   . THR A 1 65  ? -3.986  2.065   2.985   1.00 43.92 ? 323 THR A N   1 
ATOM   370 C CA  . THR A 1 65  ? -3.978  2.522   1.605   1.00 43.20 ? 323 THR A CA  1 
ATOM   371 C C   . THR A 1 65  ? -4.073  1.349   0.686   1.00 41.88 ? 323 THR A C   1 
ATOM   372 O O   . THR A 1 65  ? -3.551  0.285   0.965   1.00 42.00 ? 323 THR A O   1 
ATOM   373 C CB  . THR A 1 65  ? -2.668  3.238   1.183   1.00 43.55 ? 323 THR A CB  1 
ATOM   374 O OG1 . THR A 1 65  ? -2.217  4.120   2.214   1.00 45.34 ? 323 THR A OG1 1 
ATOM   375 C CG2 . THR A 1 65  ? -2.906  4.019   -0.096  1.00 43.21 ? 323 THR A CG2 1 
ATOM   376 N N   . LYS A 1 66  ? -4.699  1.567   -0.448  1.00 40.55 ? 324 LYS A N   1 
ATOM   377 C CA  . LYS A 1 66  ? -4.596  0.627   -1.526  1.00 39.87 ? 324 LYS A CA  1 
ATOM   378 C C   . LYS A 1 66  ? -3.381  1.038   -2.296  1.00 38.30 ? 324 LYS A C   1 
ATOM   379 O O   . LYS A 1 66  ? -3.078  2.231   -2.380  1.00 37.62 ? 324 LYS A O   1 
ATOM   380 C CB  . LYS A 1 66  ? -5.851  0.683   -2.371  1.00 40.31 ? 324 LYS A CB  1 
ATOM   381 C CG  . LYS A 1 66  ? -5.891  -0.188  -3.601  1.00 41.80 ? 324 LYS A CG  1 
ATOM   382 C CD  . LYS A 1 66  ? -7.228  0.114   -4.313  1.00 45.95 ? 324 LYS A CD  1 
ATOM   383 C CE  . LYS A 1 66  ? -7.203  -0.150  -5.787  1.00 49.80 ? 324 LYS A CE  1 
ATOM   384 N NZ  . LYS A 1 66  ? -7.223  -1.622  -5.986  1.00 53.29 ? 324 LYS A NZ  1 
ATOM   385 N N   . ILE A 1 67  ? -2.655  0.042   -2.806  1.00 37.14 ? 325 ILE A N   1 
ATOM   386 C CA  . ILE A 1 67  ? -1.487  0.265   -3.666  1.00 35.73 ? 325 ILE A CA  1 
ATOM   387 C C   . ILE A 1 67  ? -1.619  -0.687  -4.838  1.00 35.31 ? 325 ILE A C   1 
ATOM   388 O O   . ILE A 1 67  ? -1.898  -1.843  -4.645  1.00 34.96 ? 325 ILE A O   1 
ATOM   389 C CB  . ILE A 1 67  ? -0.169  -0.083  -2.931  1.00 35.82 ? 325 ILE A CB  1 
ATOM   390 C CG1 . ILE A 1 67  ? 0.006   0.755   -1.663  1.00 34.57 ? 325 ILE A CG1 1 
ATOM   391 C CG2 . ILE A 1 67  ? 1.013   0.051   -3.854  1.00 33.05 ? 325 ILE A CG2 1 
ATOM   392 C CD1 . ILE A 1 67  ? 1.340   0.460   -0.962  1.00 35.30 ? 325 ILE A CD1 1 
ATOM   393 N N   . THR A 1 68  ? -1.385  -0.209  -6.045  1.00 35.47 ? 326 THR A N   1 
ATOM   394 C CA  . THR A 1 68  ? -1.595  -1.013  -7.220  1.00 35.41 ? 326 THR A CA  1 
ATOM   395 C C   . THR A 1 68  ? -0.300  -1.025  -8.003  1.00 36.68 ? 326 THR A C   1 
ATOM   396 O O   . THR A 1 68  ? 0.243   0.038   -8.322  1.00 36.95 ? 326 THR A O   1 
ATOM   397 C CB  . THR A 1 68  ? -2.766  -0.438  -8.063  1.00 35.44 ? 326 THR A CB  1 
ATOM   398 O OG1 . THR A 1 68  ? -3.871  -0.190  -7.187  1.00 34.67 ? 326 THR A OG1 1 
ATOM   399 C CG2 . THR A 1 68  ? -3.226  -1.418  -9.187  1.00 33.28 ? 326 THR A CG2 1 
ATOM   400 N N   . TYR A 1 69  ? 0.183   -2.233  -8.306  1.00 37.34 ? 327 TYR A N   1 
ATOM   401 C CA  . TYR A 1 69  ? 1.376   -2.449  -9.107  1.00 38.22 ? 327 TYR A CA  1 
ATOM   402 C C   . TYR A 1 69  ? 1.061   -2.750  -10.613 1.00 39.66 ? 327 TYR A C   1 
ATOM   403 O O   . TYR A 1 69  ? -0.095  -2.844  -10.968 1.00 39.80 ? 327 TYR A O   1 
ATOM   404 C CB  . TYR A 1 69  ? 2.150   -3.621  -8.487  1.00 37.94 ? 327 TYR A CB  1 
ATOM   405 C CG  . TYR A 1 69  ? 2.654   -3.350  -7.090  1.00 37.08 ? 327 TYR A CG  1 
ATOM   406 C CD1 . TYR A 1 69  ? 3.799   -2.580  -6.877  1.00 36.13 ? 327 TYR A CD1 1 
ATOM   407 C CD2 . TYR A 1 69  ? 1.992   -3.865  -5.971  1.00 35.72 ? 327 TYR A CD2 1 
ATOM   408 C CE1 . TYR A 1 69  ? 4.272   -2.337  -5.590  1.00 34.80 ? 327 TYR A CE1 1 
ATOM   409 C CE2 . TYR A 1 69  ? 2.472   -3.639  -4.691  1.00 35.25 ? 327 TYR A CE2 1 
ATOM   410 C CZ  . TYR A 1 69  ? 3.607   -2.868  -4.511  1.00 35.02 ? 327 TYR A CZ  1 
ATOM   411 O OH  . TYR A 1 69  ? 4.044   -2.605  -3.233  1.00 37.52 ? 327 TYR A OH  1 
ATOM   412 N N   . ASP A 1 70  ? 2.098   -2.882  -11.463 1.00 41.64 ? 328 ASP A N   1 
ATOM   413 C CA  . ASP A 1 70  ? 1.989   -3.246  -12.916 1.00 42.93 ? 328 ASP A CA  1 
ATOM   414 C C   . ASP A 1 70  ? 1.805   -4.730  -13.191 1.00 43.79 ? 328 ASP A C   1 
ATOM   415 O O   . ASP A 1 70  ? 1.540   -5.106  -14.360 1.00 44.72 ? 328 ASP A O   1 
ATOM   416 C CB  . ASP A 1 70  ? 3.306   -3.020  -13.678 1.00 43.37 ? 328 ASP A CB  1 
ATOM   417 C CG  . ASP A 1 70  ? 3.772   -1.623  -13.657 1.00 46.50 ? 328 ASP A CG  1 
ATOM   418 O OD1 . ASP A 1 70  ? 4.932   -1.386  -14.113 1.00 48.79 ? 328 ASP A OD1 1 
ATOM   419 O OD2 . ASP A 1 70  ? 2.981   -0.770  -13.192 1.00 52.42 ? 328 ASP A OD2 1 
ATOM   420 N N   . ASN A 1 71  ? 2.084   -5.582  -12.200 1.00 43.15 ? 329 ASN A N   1 
ATOM   421 C CA  . ASN A 1 71  ? 2.281   -7.004  -12.493 1.00 42.70 ? 329 ASN A CA  1 
ATOM   422 C C   . ASN A 1 71  ? 1.983   -7.890  -11.303 1.00 42.14 ? 329 ASN A C   1 
ATOM   423 O O   . ASN A 1 71  ? 1.984   -7.415  -10.188 1.00 42.44 ? 329 ASN A O   1 
ATOM   424 C CB  . ASN A 1 71  ? 3.704   -7.235  -13.011 1.00 42.72 ? 329 ASN A CB  1 
ATOM   425 C CG  . ASN A 1 71  ? 4.748   -7.128  -11.932 1.00 41.98 ? 329 ASN A CG  1 
ATOM   426 O OD1 . ASN A 1 71  ? 5.193   -8.132  -11.384 1.00 41.98 ? 329 ASN A OD1 1 
ATOM   427 N ND2 . ASN A 1 71  ? 5.142   -5.921  -11.620 1.00 41.74 ? 329 ASN A ND2 1 
ATOM   428 N N   . PRO A 1 72  ? 1.680   -9.171  -11.537 1.00 41.71 ? 330 PRO A N   1 
ATOM   429 C CA  . PRO A 1 72  ? 1.351   -10.044 -10.405 1.00 41.34 ? 330 PRO A CA  1 
ATOM   430 C C   . PRO A 1 72  ? 2.497   -10.274 -9.445  1.00 40.56 ? 330 PRO A C   1 
ATOM   431 O O   . PRO A 1 72  ? 2.271   -10.366 -8.237  1.00 41.13 ? 330 PRO A O   1 
ATOM   432 C CB  . PRO A 1 72  ? 0.952   -11.374 -11.067 1.00 41.45 ? 330 PRO A CB  1 
ATOM   433 C CG  . PRO A 1 72  ? 0.526   -11.019 -12.412 1.00 42.00 ? 330 PRO A CG  1 
ATOM   434 C CD  . PRO A 1 72  ? 1.284   -9.768  -12.819 1.00 41.83 ? 330 PRO A CD  1 
ATOM   435 N N   . ALA A 1 73  ? 3.712   -10.368 -9.978  1.00 39.65 ? 331 ALA A N   1 
ATOM   436 C CA  . ALA A 1 73  ? 4.914   -10.635 -9.166  1.00 38.28 ? 331 ALA A CA  1 
ATOM   437 C C   . ALA A 1 73  ? 5.094   -9.614  -8.046  1.00 37.28 ? 331 ALA A C   1 
ATOM   438 O O   . ALA A 1 73  ? 5.364   -9.988  -6.901  1.00 37.01 ? 331 ALA A O   1 
ATOM   439 C CB  . ALA A 1 73  ? 6.152   -10.673 -10.047 1.00 38.17 ? 331 ALA A CB  1 
ATOM   440 N N   . SER A 1 74  ? 4.942   -8.336  -8.378  1.00 36.23 ? 332 SER A N   1 
ATOM   441 C CA  . SER A 1 74  ? 5.109   -7.265  -7.408  1.00 35.91 ? 332 SER A CA  1 
ATOM   442 C C   . SER A 1 74  ? 4.112   -7.365  -6.264  1.00 35.61 ? 332 SER A C   1 
ATOM   443 O O   . SER A 1 74  ? 4.492   -7.183  -5.112  1.00 35.64 ? 332 SER A O   1 
ATOM   444 C CB  . SER A 1 74  ? 5.043   -5.875  -8.072  1.00 36.25 ? 332 SER A CB  1 
ATOM   445 O OG  . SER A 1 74  ? 6.199   -5.625  -8.849  1.00 35.58 ? 332 SER A OG  1 
ATOM   446 N N   . ALA A 1 75  ? 2.861   -7.693  -6.576  1.00 35.62 ? 333 ALA A N   1 
ATOM   447 C CA  . ALA A 1 75  ? 1.814   -7.836  -5.560  1.00 36.18 ? 333 ALA A CA  1 
ATOM   448 C C   . ALA A 1 75  ? 2.119   -9.024  -4.652  1.00 36.17 ? 333 ALA A C   1 
ATOM   449 O O   . ALA A 1 75  ? 2.034   -8.930  -3.421  1.00 36.84 ? 333 ALA A O   1 
ATOM   450 C CB  . ALA A 1 75  ? 0.416   -8.002  -6.221  1.00 35.61 ? 333 ALA A CB  1 
ATOM   451 N N   . VAL A 1 76  ? 2.493   -10.133 -5.265  1.00 36.05 ? 334 VAL A N   1 
ATOM   452 C CA  . VAL A 1 76  ? 2.864   -11.350 -4.532  1.00 36.21 ? 334 VAL A CA  1 
ATOM   453 C C   . VAL A 1 76  ? 4.003   -11.032 -3.557  1.00 35.95 ? 334 VAL A C   1 
ATOM   454 O O   . VAL A 1 76  ? 3.934   -11.385 -2.396  1.00 35.79 ? 334 VAL A O   1 
ATOM   455 C CB  . VAL A 1 76  ? 3.281   -12.471 -5.533  1.00 36.31 ? 334 VAL A CB  1 
ATOM   456 C CG1 . VAL A 1 76  ? 3.961   -13.602 -4.838  1.00 38.18 ? 334 VAL A CG1 1 
ATOM   457 C CG2 . VAL A 1 76  ? 2.079   -12.978 -6.282  1.00 36.12 ? 334 VAL A CG2 1 
ATOM   458 N N   . ASP A 1 77  ? 5.018   -10.307 -4.033  1.00 36.12 ? 335 ASP A N   1 
ATOM   459 C CA  . ASP A 1 77  ? 6.182   -9.953  -3.225  1.00 36.06 ? 335 ASP A CA  1 
ATOM   460 C C   . ASP A 1 77  ? 5.854   -8.976  -2.074  1.00 35.65 ? 335 ASP A C   1 
ATOM   461 O O   . ASP A 1 77  ? 6.367   -9.113  -0.961  1.00 34.50 ? 335 ASP A O   1 
ATOM   462 C CB  . ASP A 1 77  ? 7.253   -9.322  -4.114  1.00 36.31 ? 335 ASP A CB  1 
ATOM   463 C CG  . ASP A 1 77  ? 7.855   -10.302 -5.111  1.00 37.97 ? 335 ASP A CG  1 
ATOM   464 O OD1 . ASP A 1 77  ? 7.584   -11.526 -5.012  1.00 38.16 ? 335 ASP A OD1 1 
ATOM   465 O OD2 . ASP A 1 77  ? 8.608   -9.829  -5.996  1.00 39.22 ? 335 ASP A OD2 1 
ATOM   466 N N   . ALA A 1 78  ? 5.036   -7.974  -2.365  1.00 35.53 ? 336 ALA A N   1 
ATOM   467 C CA  . ALA A 1 78  ? 4.591   -7.032  -1.342  1.00 35.76 ? 336 ALA A CA  1 
ATOM   468 C C   . ALA A 1 78  ? 3.869   -7.749  -0.220  1.00 36.00 ? 336 ALA A C   1 
ATOM   469 O O   . ALA A 1 78  ? 4.060   -7.463  0.925   1.00 35.49 ? 336 ALA A O   1 
ATOM   470 C CB  . ALA A 1 78  ? 3.693   -5.988  -1.957  1.00 35.53 ? 336 ALA A CB  1 
ATOM   471 N N   . LEU A 1 79  ? 3.041   -8.709  -0.589  1.00 37.64 ? 337 LEU A N   1 
ATOM   472 C CA  . LEU A 1 79  ? 2.222   -9.468  0.347   1.00 38.54 ? 337 LEU A CA  1 
ATOM   473 C C   . LEU A 1 79  ? 3.046   -10.178 1.397   1.00 38.54 ? 337 LEU A C   1 
ATOM   474 O O   . LEU A 1 79  ? 2.573   -10.409 2.497   1.00 38.85 ? 337 LEU A O   1 
ATOM   475 C CB  . LEU A 1 79  ? 1.444   -10.514 -0.422  1.00 38.87 ? 337 LEU A CB  1 
ATOM   476 C CG  . LEU A 1 79  ? 0.007   -10.763 -0.013  1.00 41.29 ? 337 LEU A CG  1 
ATOM   477 C CD1 . LEU A 1 79  ? -0.793  -9.469  0.011   1.00 40.71 ? 337 LEU A CD1 1 
ATOM   478 C CD2 . LEU A 1 79  ? -0.543  -11.754 -1.041  1.00 43.19 ? 337 LEU A CD2 1 
ATOM   479 N N   . LEU A 1 80  ? 4.272   -10.540 1.036   1.00 38.38 ? 338 LEU A N   1 
ATOM   480 C CA  . LEU A 1 80  ? 5.194   -11.176 1.953   1.00 38.41 ? 338 LEU A CA  1 
ATOM   481 C C   . LEU A 1 80  ? 5.594   -10.268 3.096   1.00 37.73 ? 338 LEU A C   1 
ATOM   482 O O   . LEU A 1 80  ? 6.111   -10.744 4.067   1.00 37.51 ? 338 LEU A O   1 
ATOM   483 C CB  . LEU A 1 80  ? 6.474   -11.621 1.226   1.00 38.98 ? 338 LEU A CB  1 
ATOM   484 C CG  . LEU A 1 80  ? 6.396   -12.606 0.058   1.00 39.26 ? 338 LEU A CG  1 
ATOM   485 C CD1 . LEU A 1 80  ? 7.796   -12.839 -0.525  1.00 38.47 ? 338 LEU A CD1 1 
ATOM   486 C CD2 . LEU A 1 80  ? 5.784   -13.911 0.521   1.00 39.91 ? 338 LEU A CD2 1 
ATOM   487 N N   . GLU A 1 81  ? 5.381   -8.961  2.974   1.00 38.06 ? 339 GLU A N   1 
ATOM   488 C CA  . GLU A 1 81  ? 5.609   -8.017  4.087   1.00 37.66 ? 339 GLU A CA  1 
ATOM   489 C C   . GLU A 1 81  ? 4.536   -8.003  5.168   1.00 36.81 ? 339 GLU A C   1 
ATOM   490 O O   . GLU A 1 81  ? 4.609   -7.215  6.088   1.00 36.04 ? 339 GLU A O   1 
ATOM   491 C CB  . GLU A 1 81  ? 5.769   -6.604  3.557   1.00 38.25 ? 339 GLU A CB  1 
ATOM   492 C CG  . GLU A 1 81  ? 7.102   -6.412  2.835   1.00 41.71 ? 339 GLU A CG  1 
ATOM   493 C CD  . GLU A 1 81  ? 8.277   -6.848  3.689   1.00 45.77 ? 339 GLU A CD  1 
ATOM   494 O OE1 . GLU A 1 81  ? 8.534   -6.188  4.715   1.00 48.22 ? 339 GLU A OE1 1 
ATOM   495 O OE2 . GLU A 1 81  ? 8.907   -7.873  3.354   1.00 49.27 ? 339 GLU A OE2 1 
ATOM   496 N N   . ASN A 1 82  ? 3.544   -8.868  5.052   1.00 36.49 ? 340 ASN A N   1 
ATOM   497 C CA  . ASN A 1 82  ? 2.516   -8.975  6.055   1.00 36.85 ? 340 ASN A CA  1 
ATOM   498 C C   . ASN A 1 82  ? 3.092   -9.405  7.410   1.00 37.56 ? 340 ASN A C   1 
ATOM   499 O O   . ASN A 1 82  ? 3.645   -10.500 7.545   1.00 37.01 ? 340 ASN A O   1 
ATOM   500 C CB  . ASN A 1 82  ? 1.446   -9.977  5.605   1.00 35.94 ? 340 ASN A CB  1 
ATOM   501 C CG  . ASN A 1 82  ? 0.302   -10.053 6.572   1.00 35.70 ? 340 ASN A CG  1 
ATOM   502 O OD1 . ASN A 1 82  ? -0.236  -9.019  6.984   1.00 33.93 ? 340 ASN A OD1 1 
ATOM   503 N ND2 . ASN A 1 82  ? -0.073  -11.282 6.962   1.00 35.47 ? 340 ASN A ND2 1 
ATOM   504 N N   . GLY A 1 83  ? 2.922   -8.555  8.409   1.00 38.69 ? 341 GLY A N   1 
ATOM   505 C CA  . GLY A 1 83  ? 3.489   -8.820  9.725   1.00 40.46 ? 341 GLY A CA  1 
ATOM   506 C C   . GLY A 1 83  ? 4.850   -8.186  9.957   1.00 41.60 ? 341 GLY A C   1 
ATOM   507 O O   . GLY A 1 83  ? 5.376   -8.244  11.056  1.00 43.39 ? 341 GLY A O   1 
ATOM   508 N N   . ALA A 1 84  ? 5.440   -7.579  8.942   1.00 42.25 ? 342 ALA A N   1 
ATOM   509 C CA  . ALA A 1 84  ? 6.744   -6.993  9.104   1.00 42.46 ? 342 ALA A CA  1 
ATOM   510 C C   . ALA A 1 84  ? 6.640   -5.843  10.071  1.00 42.62 ? 342 ALA A C   1 
ATOM   511 O O   . ALA A 1 84  ? 5.637   -5.157  10.089  1.00 43.22 ? 342 ALA A O   1 
ATOM   512 C CB  . ALA A 1 84  ? 7.283   -6.494  7.747   1.00 42.59 ? 342 ALA A CB  1 
ATOM   513 N N   . VAL A 1 85  ? 7.678   -5.622  10.870  1.00 42.99 ? 343 VAL A N   1 
ATOM   514 C CA  . VAL A 1 85  ? 7.740   -4.456  11.730  1.00 42.70 ? 343 VAL A CA  1 
ATOM   515 C C   . VAL A 1 85  ? 8.435   -3.375  10.932  1.00 43.89 ? 343 VAL A C   1 
ATOM   516 O O   . VAL A 1 85  ? 9.448   -3.629  10.288  1.00 44.75 ? 343 VAL A O   1 
ATOM   517 C CB  . VAL A 1 85  ? 8.510   -4.749  13.021  1.00 42.84 ? 343 VAL A CB  1 
ATOM   518 C CG1 . VAL A 1 85  ? 8.531   -3.507  13.962  1.00 40.76 ? 343 VAL A CG1 1 
ATOM   519 C CG2 . VAL A 1 85  ? 7.910   -5.944  13.718  1.00 40.57 ? 343 VAL A CG2 1 
ATOM   520 N N   . PHE A 1 86  ? 7.886   -2.171  10.957  1.00 44.52 ? 344 PHE A N   1 
ATOM   521 C CA  . PHE A 1 86  ? 8.416   -1.086  10.161  1.00 45.48 ? 344 PHE A CA  1 
ATOM   522 C C   . PHE A 1 86  ? 8.448   0.151   11.035  1.00 46.81 ? 344 PHE A C   1 
ATOM   523 O O   . PHE A 1 86  ? 7.393   0.610   11.489  1.00 46.84 ? 344 PHE A O   1 
ATOM   524 C CB  . PHE A 1 86  ? 7.523   -0.850  8.946   1.00 45.46 ? 344 PHE A CB  1 
ATOM   525 C CG  . PHE A 1 86  ? 8.073   0.130   7.973   1.00 44.39 ? 344 PHE A CG  1 
ATOM   526 C CD1 . PHE A 1 86  ? 9.051   -0.246  7.066   1.00 46.15 ? 344 PHE A CD1 1 
ATOM   527 C CD2 . PHE A 1 86  ? 7.611   1.410   7.945   1.00 43.63 ? 344 PHE A CD2 1 
ATOM   528 C CE1 . PHE A 1 86  ? 9.556   0.665   6.152   1.00 45.77 ? 344 PHE A CE1 1 
ATOM   529 C CE2 . PHE A 1 86  ? 8.100   2.325   7.030   1.00 44.58 ? 344 PHE A CE2 1 
ATOM   530 C CZ  . PHE A 1 86  ? 9.079   1.947   6.131   1.00 44.97 ? 344 PHE A CZ  1 
ATOM   531 N N   . ASN A 1 87  ? 9.651   0.679   11.280  1.00 47.53 ? 345 ASN A N   1 
ATOM   532 C CA  . ASN A 1 87  ? 9.831   1.799   12.205  1.00 48.28 ? 345 ASN A CA  1 
ATOM   533 C C   . ASN A 1 87  ? 8.959   1.649   13.461  1.00 47.58 ? 345 ASN A C   1 
ATOM   534 O O   . ASN A 1 87  ? 8.232   2.573   13.827  1.00 47.54 ? 345 ASN A O   1 
ATOM   535 C CB  . ASN A 1 87  ? 9.552   3.155   11.513  1.00 49.01 ? 345 ASN A CB  1 
ATOM   536 C CG  . ASN A 1 87  ? 10.471  3.411   10.296  1.00 52.60 ? 345 ASN A CG  1 
ATOM   537 O OD1 . ASN A 1 87  ? 11.433  2.666   10.054  1.00 54.89 ? 345 ASN A OD1 1 
ATOM   538 N ND2 . ASN A 1 87  ? 10.160  4.465   9.519   1.00 53.64 ? 345 ASN A ND2 1 
ATOM   539 N N   . GLY A 1 88  ? 9.014   0.476   14.093  1.00 47.03 ? 346 GLY A N   1 
ATOM   540 C CA  . GLY A 1 88  ? 8.328   0.246   15.378  1.00 46.66 ? 346 GLY A CA  1 
ATOM   541 C C   . GLY A 1 88  ? 6.817   0.002   15.369  1.00 46.25 ? 346 GLY A C   1 
ATOM   542 O O   . GLY A 1 88  ? 6.176   0.030   16.430  1.00 46.11 ? 346 GLY A O   1 
ATOM   543 N N   . VAL A 1 89  ? 6.229   -0.239  14.194  1.00 45.74 ? 347 VAL A N   1 
ATOM   544 C CA  . VAL A 1 89  ? 4.814   -0.653  14.117  1.00 44.93 ? 347 VAL A CA  1 
ATOM   545 C C   . VAL A 1 89  ? 4.713   -1.884  13.243  1.00 44.02 ? 347 VAL A C   1 
ATOM   546 O O   . VAL A 1 89  ? 5.553   -2.115  12.372  1.00 43.96 ? 347 VAL A O   1 
ATOM   547 C CB  . VAL A 1 89  ? 3.871   0.445   13.519  1.00 45.00 ? 347 VAL A CB  1 
ATOM   548 C CG1 . VAL A 1 89  ? 4.106   1.808   14.159  1.00 44.79 ? 347 VAL A CG1 1 
ATOM   549 C CG2 . VAL A 1 89  ? 4.069   0.545   12.040  1.00 45.27 ? 347 VAL A CG2 1 
ATOM   550 N N   . LEU A 1 90  ? 3.676   -2.677  13.473  1.00 43.09 ? 348 LEU A N   1 
ATOM   551 C CA  . LEU A 1 90  ? 3.409   -3.821  12.613  1.00 42.05 ? 348 LEU A CA  1 
ATOM   552 C C   . LEU A 1 90  ? 2.630   -3.363  11.382  1.00 41.38 ? 348 LEU A C   1 
ATOM   553 O O   . LEU A 1 90  ? 1.631   -2.643  11.505  1.00 40.39 ? 348 LEU A O   1 
ATOM   554 C CB  . LEU A 1 90  ? 2.626   -4.893  13.367  1.00 41.95 ? 348 LEU A CB  1 
ATOM   555 C CG  . LEU A 1 90  ? 3.412   -5.669  14.422  1.00 40.37 ? 348 LEU A CG  1 
ATOM   556 C CD1 . LEU A 1 90  ? 2.434   -6.330  15.351  1.00 37.56 ? 348 LEU A CD1 1 
ATOM   557 C CD2 . LEU A 1 90  ? 4.344   -6.693  13.761  1.00 39.18 ? 348 LEU A CD2 1 
ATOM   558 N N   . LEU A 1 91  ? 3.097   -3.771  10.201  1.00 40.62 ? 349 LEU A N   1 
ATOM   559 C CA  . LEU A 1 91  ? 2.353   -3.526  8.976   1.00 40.82 ? 349 LEU A CA  1 
ATOM   560 C C   . LEU A 1 91  ? 1.535   -4.732  8.574   1.00 40.30 ? 349 LEU A C   1 
ATOM   561 O O   . LEU A 1 91  ? 1.990   -5.874  8.670   1.00 40.94 ? 349 LEU A O   1 
ATOM   562 C CB  . LEU A 1 91  ? 3.277   -3.165  7.817   1.00 40.90 ? 349 LEU A CB  1 
ATOM   563 C CG  . LEU A 1 91  ? 4.048   -1.861  7.955   1.00 41.37 ? 349 LEU A CG  1 
ATOM   564 C CD1 . LEU A 1 91  ? 4.708   -1.525  6.628   1.00 42.92 ? 349 LEU A CD1 1 
ATOM   565 C CD2 . LEU A 1 91  ? 3.156   -0.734  8.423   1.00 41.42 ? 349 LEU A CD2 1 
ATOM   566 N N   . GLY A 1 92  ? 0.327   -4.465  8.106   1.00 39.77 ? 350 GLY A N   1 
ATOM   567 C CA  . GLY A 1 92  ? -0.494  -5.496  7.460   1.00 39.38 ? 350 GLY A CA  1 
ATOM   568 C C   . GLY A 1 92  ? -0.517  -5.341  5.954   1.00 38.31 ? 350 GLY A C   1 
ATOM   569 O O   . GLY A 1 92  ? -0.537  -4.228  5.428   1.00 38.65 ? 350 GLY A O   1 
ATOM   570 N N   . VAL A 1 93  ? -0.488  -6.462  5.250   1.00 37.88 ? 351 VAL A N   1 
ATOM   571 C CA  . VAL A 1 93  ? -0.610  -6.444  3.803   1.00 37.07 ? 351 VAL A CA  1 
ATOM   572 C C   . VAL A 1 93  ? -1.509  -7.583  3.420   1.00 37.60 ? 351 VAL A C   1 
ATOM   573 O O   . VAL A 1 93  ? -1.274  -8.721  3.827   1.00 37.56 ? 351 VAL A O   1 
ATOM   574 C CB  . VAL A 1 93  ? 0.743   -6.575  3.061   1.00 36.83 ? 351 VAL A CB  1 
ATOM   575 C CG1 . VAL A 1 93  ? 0.564   -6.325  1.555   1.00 34.47 ? 351 VAL A CG1 1 
ATOM   576 C CG2 . VAL A 1 93  ? 1.757   -5.607  3.609   1.00 35.46 ? 351 VAL A CG2 1 
ATOM   577 N N   . ILE A 1 94  ? -2.559  -7.267  2.658   1.00 38.28 ? 352 ILE A N   1 
ATOM   578 C CA  . ILE A 1 94  ? -3.473  -8.291  2.125   1.00 38.78 ? 352 ILE A CA  1 
ATOM   579 C C   . ILE A 1 94  ? -3.812  -7.940  0.700   1.00 39.20 ? 352 ILE A C   1 
ATOM   580 O O   . ILE A 1 94  ? -3.691  -6.774  0.322   1.00 39.16 ? 352 ILE A O   1 
ATOM   581 C CB  . ILE A 1 94  ? -4.807  -8.423  2.945   1.00 38.43 ? 352 ILE A CB  1 
ATOM   582 C CG1 . ILE A 1 94  ? -5.532  -7.081  3.095   1.00 38.36 ? 352 ILE A CG1 1 
ATOM   583 C CG2 . ILE A 1 94  ? -4.553  -8.994  4.313   1.00 38.86 ? 352 ILE A CG2 1 
ATOM   584 C CD1 . ILE A 1 94  ? -6.984  -7.239  3.548   1.00 38.34 ? 352 ILE A CD1 1 
ATOM   585 N N   . PRO A 1 95  ? -4.253  -8.936  -0.094  1.00 40.26 ? 353 PRO A N   1 
ATOM   586 C CA  . PRO A 1 95  ? -4.756  -8.624  -1.413  1.00 40.94 ? 353 PRO A CA  1 
ATOM   587 C C   . PRO A 1 95  ? -5.941  -7.663  -1.316  1.00 41.87 ? 353 PRO A C   1 
ATOM   588 O O   . PRO A 1 95  ? -6.800  -7.827  -0.441  1.00 41.98 ? 353 PRO A O   1 
ATOM   589 C CB  . PRO A 1 95  ? -5.225  -9.979  -1.922  1.00 41.06 ? 353 PRO A CB  1 
ATOM   590 C CG  . PRO A 1 95  ? -4.574  -10.982 -1.037  1.00 40.82 ? 353 PRO A CG  1 
ATOM   591 C CD  . PRO A 1 95  ? -4.546  -10.335 0.259   1.00 40.50 ? 353 PRO A CD  1 
ATOM   592 N N   . TYR A 1 96  ? -5.975  -6.666  -2.188  1.00 42.88 ? 354 TYR A N   1 
ATOM   593 C CA  . TYR A 1 96  ? -7.136  -5.803  -2.312  1.00 44.86 ? 354 TYR A CA  1 
ATOM   594 C C   . TYR A 1 96  ? -8.398  -6.585  -2.709  1.00 45.32 ? 354 TYR A C   1 
ATOM   595 O O   . TYR A 1 96  ? -8.328  -7.508  -3.521  1.00 45.66 ? 354 TYR A O   1 
ATOM   596 C CB  . TYR A 1 96  ? -6.865  -4.735  -3.370  1.00 45.50 ? 354 TYR A CB  1 
ATOM   597 C CG  . TYR A 1 96  ? -8.116  -4.092  -3.940  1.00 48.08 ? 354 TYR A CG  1 
ATOM   598 C CD1 . TYR A 1 96  ? -8.743  -3.054  -3.271  1.00 48.93 ? 354 TYR A CD1 1 
ATOM   599 C CD2 . TYR A 1 96  ? -8.665  -4.526  -5.162  1.00 51.34 ? 354 TYR A CD2 1 
ATOM   600 C CE1 . TYR A 1 96  ? -9.876  -2.458  -3.779  1.00 51.36 ? 354 TYR A CE1 1 
ATOM   601 C CE2 . TYR A 1 96  ? -9.817  -3.932  -5.683  1.00 51.43 ? 354 TYR A CE2 1 
ATOM   602 C CZ  . TYR A 1 96  ? -10.409 -2.891  -4.984  1.00 52.13 ? 354 TYR A CZ  1 
ATOM   603 O OH  . TYR A 1 96  ? -11.539 -2.267  -5.465  1.00 54.68 ? 354 TYR A OH  1 
ATOM   604 N N   . THR A 1 97  ? -9.530  -6.226  -2.115  1.00 46.13 ? 355 THR A N   1 
ATOM   605 C CA  . THR A 1 97  ? -10.856 -6.659  -2.594  1.00 46.87 ? 355 THR A CA  1 
ATOM   606 C C   . THR A 1 97  ? -11.808 -5.481  -2.481  1.00 47.66 ? 355 THR A C   1 
ATOM   607 O O   . THR A 1 97  ? -11.684 -4.681  -1.545  1.00 47.67 ? 355 THR A O   1 
ATOM   608 C CB  . THR A 1 97  ? -11.473 -7.813  -1.768  1.00 46.79 ? 355 THR A CB  1 
ATOM   609 O OG1 . THR A 1 97  ? -11.787 -7.348  -0.441  1.00 47.77 ? 355 THR A OG1 1 
ATOM   610 C CG2 . THR A 1 97  ? -10.565 -9.027  -1.710  1.00 45.69 ? 355 THR A CG2 1 
ATOM   611 N N   . LYS A 1 98  ? -12.756 -5.387  -3.424  1.00 49.04 ? 356 LYS A N   1 
ATOM   612 C CA  . LYS A 1 98  ? -13.776 -4.324  -3.436  1.00 49.83 ? 356 LYS A CA  1 
ATOM   613 C C   . LYS A 1 98  ? -14.540 -4.325  -2.144  1.00 50.40 ? 356 LYS A C   1 
ATOM   614 O O   . LYS A 1 98  ? -14.772 -3.281  -1.572  1.00 50.65 ? 356 LYS A O   1 
ATOM   615 C CB  . LYS A 1 98  ? -14.776 -4.502  -4.595  1.00 50.28 ? 356 LYS A CB  1 
ATOM   616 N N   . ASP A 1 99  ? -14.910 -5.512  -1.676  1.00 51.68 ? 357 ASP A N   1 
ATOM   617 C CA  . ASP A 1 99  ? -15.695 -5.643  -0.452  1.00 52.99 ? 357 ASP A CA  1 
ATOM   618 C C   . ASP A 1 99  ? -15.033 -4.942  0.744   1.00 52.74 ? 357 ASP A C   1 
ATOM   619 O O   . ASP A 1 99  ? -15.685 -4.175  1.466   1.00 52.55 ? 357 ASP A O   1 
ATOM   620 C CB  . ASP A 1 99  ? -15.941 -7.129  -0.154  1.00 53.99 ? 357 ASP A CB  1 
ATOM   621 C CG  . ASP A 1 99  ? -16.664 -7.366  1.177   1.00 57.26 ? 357 ASP A CG  1 
ATOM   622 O OD1 . ASP A 1 99  ? -17.717 -6.713  1.411   1.00 60.35 ? 357 ASP A OD1 1 
ATOM   623 O OD2 . ASP A 1 99  ? -16.168 -8.211  1.979   1.00 60.71 ? 357 ASP A OD2 1 
ATOM   624 N N   . ALA A 1 100 ? -13.731 -5.177  0.911   1.00 52.92 ? 358 ALA A N   1 
ATOM   625 C CA  . ALA A 1 100 ? -12.973 -4.650  2.051   1.00 52.52 ? 358 ALA A CA  1 
ATOM   626 C C   . ALA A 1 100 ? -12.944 -3.146  1.995   1.00 52.35 ? 358 ALA A C   1 
ATOM   627 O O   . ALA A 1 100 ? -13.255 -2.483  2.988   1.00 51.29 ? 358 ALA A O   1 
ATOM   628 C CB  . ALA A 1 100 ? -11.557 -5.209  2.063   1.00 52.45 ? 358 ALA A CB  1 
ATOM   629 N N   . VAL A 1 101 ? -12.599 -2.595  0.835   1.00 52.70 ? 359 VAL A N   1 
ATOM   630 C CA  . VAL A 1 101 ? -12.531 -1.144  0.728   1.00 54.01 ? 359 VAL A CA  1 
ATOM   631 C C   . VAL A 1 101 ? -13.920 -0.517  0.965   1.00 55.05 ? 359 VAL A C   1 
ATOM   632 O O   . VAL A 1 101 ? -14.024 0.552   1.581   1.00 54.84 ? 359 VAL A O   1 
ATOM   633 C CB  . VAL A 1 101 ? -11.946 -0.672  -0.609  1.00 53.67 ? 359 VAL A CB  1 
ATOM   634 C CG1 . VAL A 1 101 ? -12.936 -0.880  -1.729  1.00 56.15 ? 359 VAL A CG1 1 
ATOM   635 C CG2 . VAL A 1 101 ? -11.618 0.782   -0.542  1.00 53.67 ? 359 VAL A CG2 1 
ATOM   636 N N   . GLU A 1 102 ? -14.975 -1.195  0.497   1.00 56.59 ? 360 GLU A N   1 
ATOM   637 C CA  . GLU A 1 102 ? -16.362 -0.745  0.721   1.00 58.05 ? 360 GLU A CA  1 
ATOM   638 C C   . GLU A 1 102 ? -16.708 -0.678  2.216   1.00 59.01 ? 360 GLU A C   1 
ATOM   639 O O   . GLU A 1 102 ? -17.240 0.327   2.685   1.00 59.00 ? 360 GLU A O   1 
ATOM   640 C CB  . GLU A 1 102 ? -17.374 -1.655  -0.015  1.00 58.10 ? 360 GLU A CB  1 
ATOM   641 N N   . ARG A 1 103 ? -16.400 -1.744  2.959   1.00 60.38 ? 361 ARG A N   1 
ATOM   642 C CA  . ARG A 1 103 ? -16.652 -1.767  4.414   1.00 61.47 ? 361 ARG A CA  1 
ATOM   643 C C   . ARG A 1 103 ? -15.846 -0.693  5.173   1.00 62.05 ? 361 ARG A C   1 
ATOM   644 O O   . ARG A 1 103 ? -16.288 -0.216  6.220   1.00 62.42 ? 361 ARG A O   1 
ATOM   645 C CB  . ARG A 1 103 ? -16.335 -3.133  5.029   1.00 61.74 ? 361 ARG A CB  1 
ATOM   646 C CG  . ARG A 1 103 ? -16.868 -4.342  4.282   1.00 63.99 ? 361 ARG A CG  1 
ATOM   647 C CD  . ARG A 1 103 ? -16.861 -5.586  5.161   1.00 67.19 ? 361 ARG A CD  1 
ATOM   648 N NE  . ARG A 1 103 ? -18.115 -5.667  5.902   1.00 71.05 ? 361 ARG A NE  1 
ATOM   649 C CZ  . ARG A 1 103 ? -19.253 -6.200  5.436   1.00 74.12 ? 361 ARG A CZ  1 
ATOM   650 N NH1 . ARG A 1 103 ? -19.314 -6.739  4.215   1.00 74.74 ? 361 ARG A NH1 1 
ATOM   651 N NH2 . ARG A 1 103 ? -20.348 -6.199  6.204   1.00 75.06 ? 361 ARG A NH2 1 
ATOM   652 N N   . LEU A 1 104 ? -14.671 -0.325  4.653   1.00 62.44 ? 362 LEU A N   1 
ATOM   653 C CA  . LEU A 1 104 ? -13.825 0.704   5.275   1.00 62.59 ? 362 LEU A CA  1 
ATOM   654 C C   . LEU A 1 104 ? -14.355 2.119   5.038   1.00 63.65 ? 362 LEU A C   1 
ATOM   655 O O   . LEU A 1 104 ? -14.151 3.007   5.871   1.00 64.01 ? 362 LEU A O   1 
ATOM   656 C CB  . LEU A 1 104 ? -12.376 0.581   4.789   1.00 62.17 ? 362 LEU A CB  1 
ATOM   657 C CG  . LEU A 1 104 ? -11.692 -0.717  5.249   1.00 60.26 ? 362 LEU A CG  1 
ATOM   658 C CD1 . LEU A 1 104 ? -10.528 -1.102  4.331   1.00 58.01 ? 362 LEU A CD1 1 
ATOM   659 C CD2 . LEU A 1 104 ? -11.244 -0.587  6.699   1.00 58.43 ? 362 LEU A CD2 1 
ATOM   660 N N   . GLN A 1 105 ? -15.029 2.327   3.907   1.00 64.71 ? 363 GLN A N   1 
ATOM   661 C CA  . GLN A 1 105 ? -15.730 3.587   3.625   1.00 65.33 ? 363 GLN A CA  1 
ATOM   662 C C   . GLN A 1 105 ? -17.248 3.396   3.760   1.00 65.43 ? 363 GLN A C   1 
ATOM   663 O O   . GLN A 1 105 ? -17.856 3.799   4.755   1.00 65.67 ? 363 GLN A O   1 
ATOM   664 C CB  . GLN A 1 105 ? -15.388 4.071   2.216   1.00 65.56 ? 363 GLN A CB  1 
ATOM   665 C CG  . GLN A 1 105 ? -13.887 4.077   1.904   1.00 66.46 ? 363 GLN A CG  1 
ATOM   666 C CD  . GLN A 1 105 ? -13.597 4.319   0.431   1.00 67.41 ? 363 GLN A CD  1 
ATOM   667 O OE1 . GLN A 1 105 ? -14.313 3.825   -0.454  1.00 67.22 ? 363 GLN A OE1 1 
ATOM   668 N NE2 . GLN A 1 105 ? -12.534 5.078   0.157   1.00 67.34 ? 363 GLN A NE2 1 
HETATM 669 O O   . HOH B 2 .   ? -14.837 -8.252  -2.794  1.00 54.55 ? 1   HOH A O   1 
HETATM 670 O O   . HOH B 2 .   ? 10.292  4.147   3.629   1.00 32.20 ? 2   HOH A O   1 
HETATM 671 O O   . HOH B 2 .   ? -8.446  -10.626 -3.713  1.00 56.78 ? 3   HOH A O   1 
HETATM 672 O O   . HOH B 2 .   ? 3.230   -13.571 -1.555  1.00 37.91 ? 4   HOH A O   1 
HETATM 673 O O   . HOH B 2 .   ? -7.978  -10.070 0.609   1.00 46.80 ? 5   HOH A O   1 
HETATM 674 O O   . HOH B 2 .   ? 2.777   -13.212 6.383   1.00 52.87 ? 6   HOH A O   1 
HETATM 675 O O   . HOH B 2 .   ? 1.506   -1.882  15.551  1.00 37.18 ? 7   HOH A O   1 
HETATM 676 O O   . HOH B 2 .   ? -3.378  -8.703  -4.980  1.00 40.53 ? 8   HOH A O   1 
HETATM 677 O O   . HOH B 2 .   ? 8.874   -7.285  -7.727  1.00 41.12 ? 9   HOH A O   1 
HETATM 678 O O   . HOH B 2 .   ? 3.578   6.807   -9.225  1.00 57.74 ? 10  HOH A O   1 
HETATM 679 O O   . HOH B 2 .   ? 4.548   12.924  8.786   1.00 48.43 ? 11  HOH A O   1 
HETATM 680 O O   . HOH B 2 .   ? -10.815 6.892   -0.153  1.00 51.36 ? 12  HOH A O   1 
HETATM 681 O O   . HOH B 2 .   ? 9.202   -9.495  0.101   1.00 50.09 ? 13  HOH A O   1 
HETATM 682 O O   . HOH B 2 .   ? 11.711  -6.446  1.964   1.00 57.02 ? 14  HOH A O   1 
HETATM 683 O O   . HOH B 2 .   ? 7.243   -2.854  -11.445 1.00 34.14 ? 15  HOH A O   1 
HETATM 684 O O   . HOH B 2 .   ? 6.478   3.691   -8.455  1.00 39.77 ? 16  HOH A O   1 
HETATM 685 O O   . HOH B 2 .   ? 8.871   6.991   -8.261  1.00 42.25 ? 17  HOH A O   1 
HETATM 686 O O   . HOH B 2 .   ? 8.788   3.443   -9.444  1.00 49.24 ? 18  HOH A O   1 
HETATM 687 O O   . HOH B 2 .   ? -0.181  -1.901  13.351  1.00 39.10 ? 19  HOH A O   1 
HETATM 688 O O   . HOH B 2 .   ? 0.013   10.546  1.919   1.00 55.84 ? 20  HOH A O   1 
# 
loop_
_pdbx_poly_seq_scheme.asym_id 
_pdbx_poly_seq_scheme.entity_id 
_pdbx_poly_seq_scheme.seq_id 
_pdbx_poly_seq_scheme.mon_id 
_pdbx_poly_seq_scheme.ndb_seq_num 
_pdbx_poly_seq_scheme.pdb_seq_num 
_pdbx_poly_seq_scheme.auth_seq_num 
_pdbx_poly_seq_scheme.pdb_mon_id 
_pdbx_poly_seq_scheme.auth_mon_id 
_pdbx_poly_seq_scheme.pdb_strand_id 
_pdbx_poly_seq_scheme.pdb_ins_code 
_pdbx_poly_seq_scheme.hetero 
A 1 1   MET 1   259 ?   ?   ?   A . n 
A 1 2   SER 2   260 ?   ?   ?   A . n 
A 1 3   LEU 3   261 ?   ?   ?   A . n 
A 1 4   SER 4   262 ?   ?   ?   A . n 
A 1 5   ASN 5   263 ?   ?   ?   A . n 
A 1 6   GLY 6   264 ?   ?   ?   A . n 
A 1 7   GLU 7   265 ?   ?   ?   A . n 
A 1 8   LEU 8   266 266 LEU LEU A . n 
A 1 9   ALA 9   267 267 ALA ALA A . n 
A 1 10  ILE 10  268 268 ILE ILE A . n 
A 1 11  LEU 11  269 269 LEU LEU A . n 
A 1 12  VAL 12  270 270 VAL VAL A . n 
A 1 13  PHE 13  271 271 PHE PHE A . n 
A 1 14  GLY 14  272 272 GLY GLY A . n 
A 1 15  TYR 15  273 273 TYR TYR A . n 
A 1 16  PRO 16  274 274 PRO PRO A . n 
A 1 17  GLU 17  275 275 GLU GLU A . n 
A 1 18  THR 18  276 276 THR THR A . n 
A 1 19  MET 19  277 277 MET MET A . n 
A 1 20  ALA 20  278 278 ALA ALA A . n 
A 1 21  ASN 21  279 279 ASN ASN A . n 
A 1 22  GLN 22  280 280 GLN GLN A . n 
A 1 23  VAL 23  281 281 VAL VAL A . n 
A 1 24  ILE 24  282 282 ILE ILE A . n 
A 1 25  ALA 25  283 283 ALA ALA A . n 
A 1 26  TYR 26  284 284 TYR TYR A . n 
A 1 27  PHE 27  285 285 PHE PHE A . n 
A 1 28  GLN 28  286 286 GLN GLN A . n 
A 1 29  GLU 29  287 287 GLU GLU A . n 
A 1 30  PHE 30  288 288 PHE PHE A . n 
A 1 31  GLY 31  289 289 GLY GLY A . n 
A 1 32  THR 32  290 290 THR THR A . n 
A 1 33  ILE 33  291 291 ILE ILE A . n 
A 1 34  LEU 34  292 292 LEU LEU A . n 
A 1 35  GLU 35  293 293 GLU GLU A . n 
A 1 36  ASP 36  294 294 ASP ASP A . n 
A 1 37  PHE 37  295 295 PHE PHE A . n 
A 1 38  GLU 38  296 296 GLU GLU A . n 
A 1 39  VAL 39  297 297 VAL VAL A . n 
A 1 40  LEU 40  298 298 LEU LEU A . n 
A 1 41  ARG 41  299 299 ARG ARG A . n 
A 1 42  LYS 42  300 300 LYS LYS A . n 
A 1 43  PRO 43  301 301 PRO PRO A . n 
A 1 44  GLN 44  302 ?   ?   ?   A . n 
A 1 45  ALA 45  303 ?   ?   ?   A . n 
A 1 46  MET 46  304 ?   ?   ?   A . n 
A 1 47  THR 47  305 ?   ?   ?   A . n 
A 1 48  VAL 48  306 ?   ?   ?   A . n 
A 1 49  GLY 49  307 ?   ?   ?   A . n 
A 1 50  LEU 50  308 ?   ?   ?   A . n 
A 1 51  GLN 51  309 ?   ?   ?   A . n 
A 1 52  ASP 52  310 ?   ?   ?   A . n 
A 1 53  ARG 53  311 ?   ?   ?   A . n 
A 1 54  GLN 54  312 ?   ?   ?   A . n 
A 1 55  PHE 55  313 313 PHE PHE A . n 
A 1 56  VAL 56  314 314 VAL VAL A . n 
A 1 57  PRO 57  315 315 PRO PRO A . n 
A 1 58  ILE 58  316 316 ILE ILE A . n 
A 1 59  PHE 59  317 317 PHE PHE A . n 
A 1 60  SER 60  318 318 SER SER A . n 
A 1 61  GLY 61  319 319 GLY GLY A . n 
A 1 62  ASN 62  320 320 ASN ASN A . n 
A 1 63  SER 63  321 321 SER SER A . n 
A 1 64  TRP 64  322 322 TRP TRP A . n 
A 1 65  THR 65  323 323 THR THR A . n 
A 1 66  LYS 66  324 324 LYS LYS A . n 
A 1 67  ILE 67  325 325 ILE ILE A . n 
A 1 68  THR 68  326 326 THR THR A . n 
A 1 69  TYR 69  327 327 TYR TYR A . n 
A 1 70  ASP 70  328 328 ASP ASP A . n 
A 1 71  ASN 71  329 329 ASN ASN A . n 
A 1 72  PRO 72  330 330 PRO PRO A . n 
A 1 73  ALA 73  331 331 ALA ALA A . n 
A 1 74  SER 74  332 332 SER SER A . n 
A 1 75  ALA 75  333 333 ALA ALA A . n 
A 1 76  VAL 76  334 334 VAL VAL A . n 
A 1 77  ASP 77  335 335 ASP ASP A . n 
A 1 78  ALA 78  336 336 ALA ALA A . n 
A 1 79  LEU 79  337 337 LEU LEU A . n 
A 1 80  LEU 80  338 338 LEU LEU A . n 
A 1 81  GLU 81  339 339 GLU GLU A . n 
A 1 82  ASN 82  340 340 ASN ASN A . n 
A 1 83  GLY 83  341 341 GLY GLY A . n 
A 1 84  ALA 84  342 342 ALA ALA A . n 
A 1 85  VAL 85  343 343 VAL VAL A . n 
A 1 86  PHE 86  344 344 PHE PHE A . n 
A 1 87  ASN 87  345 345 ASN ASN A . n 
A 1 88  GLY 88  346 346 GLY GLY A . n 
A 1 89  VAL 89  347 347 VAL VAL A . n 
A 1 90  LEU 90  348 348 LEU LEU A . n 
A 1 91  LEU 91  349 349 LEU LEU A . n 
A 1 92  GLY 92  350 350 GLY GLY A . n 
A 1 93  VAL 93  351 351 VAL VAL A . n 
A 1 94  ILE 94  352 352 ILE ILE A . n 
A 1 95  PRO 95  353 353 PRO PRO A . n 
A 1 96  TYR 96  354 354 TYR TYR A . n 
A 1 97  THR 97  355 355 THR THR A . n 
A 1 98  LYS 98  356 356 LYS LYS A . n 
A 1 99  ASP 99  357 357 ASP ASP A . n 
A 1 100 ALA 100 358 358 ALA ALA A . n 
A 1 101 VAL 101 359 359 VAL VAL A . n 
A 1 102 GLU 102 360 360 GLU GLU A . n 
A 1 103 ARG 103 361 361 ARG ARG A . n 
A 1 104 LEU 104 362 362 LEU LEU A . n 
A 1 105 GLN 105 363 363 GLN GLN A . n 
A 1 106 LYS 106 364 ?   ?   ?   A . n 
A 1 107 ARG 107 365 ?   ?   ?   A . n 
A 1 108 LYS 108 366 ?   ?   ?   A . n 
A 1 109 LEU 109 367 ?   ?   ?   A . n 
A 1 110 THR 110 368 ?   ?   ?   A . n 
A 1 111 SER 111 369 ?   ?   ?   A . n 
A 1 112 SER 112 370 ?   ?   ?   A . n 
A 1 113 GLU 113 371 ?   ?   ?   A . n 
A 1 114 ASP 114 372 ?   ?   ?   A . n 
A 1 115 ILE 115 373 ?   ?   ?   A . n 
A 1 116 GLY 116 374 ?   ?   ?   A . n 
A 1 117 SER 117 375 ?   ?   ?   A . n 
A 1 118 GLY 118 376 ?   ?   ?   A . n 
A 1 119 ILE 119 377 ?   ?   ?   A . n 
A 1 120 THR 120 378 ?   ?   ?   A . n 
A 1 121 THR 121 379 ?   ?   ?   A . n 
A 1 122 ALA 122 380 ?   ?   ?   A . n 
A 1 123 ALA 123 381 ?   ?   ?   A . n 
A 1 124 ALA 124 382 ?   ?   ?   A . n 
A 1 125 GLU 125 383 ?   ?   ?   A . n 
A 1 126 GLY 126 384 ?   ?   ?   A . n 
A 1 127 HIS 127 385 ?   ?   ?   A . n 
A 1 128 HIS 128 386 ?   ?   ?   A . n 
A 1 129 HIS 129 387 ?   ?   ?   A . n 
A 1 130 HIS 130 388 ?   ?   ?   A . n 
A 1 131 HIS 131 389 ?   ?   ?   A . n 
A 1 132 HIS 132 390 ?   ?   ?   A . n 
# 
_pdbx_SG_project.id                    1 
_pdbx_SG_project.project_name          'PSI, Protein Structure Initiative' 
_pdbx_SG_project.full_name_of_center   'New York SGX Research Center for Structural Genomics' 
_pdbx_SG_project.initial_of_center     NYSGXRC 
# 
loop_
_pdbx_nonpoly_scheme.asym_id 
_pdbx_nonpoly_scheme.entity_id 
_pdbx_nonpoly_scheme.mon_id 
_pdbx_nonpoly_scheme.ndb_seq_num 
_pdbx_nonpoly_scheme.pdb_seq_num 
_pdbx_nonpoly_scheme.auth_seq_num 
_pdbx_nonpoly_scheme.pdb_mon_id 
_pdbx_nonpoly_scheme.auth_mon_id 
_pdbx_nonpoly_scheme.pdb_strand_id 
_pdbx_nonpoly_scheme.pdb_ins_code 
B 2 HOH 1  1  1  HOH HOH A . 
B 2 HOH 2  2  2  HOH HOH A . 
B 2 HOH 3  3  3  HOH HOH A . 
B 2 HOH 4  4  4  HOH HOH A . 
B 2 HOH 5  5  5  HOH HOH A . 
B 2 HOH 6  6  6  HOH HOH A . 
B 2 HOH 7  7  7  HOH HOH A . 
B 2 HOH 8  8  8  HOH HOH A . 
B 2 HOH 9  9  9  HOH HOH A . 
B 2 HOH 10 10 10 HOH HOH A . 
B 2 HOH 11 11 11 HOH HOH A . 
B 2 HOH 12 12 12 HOH HOH A . 
B 2 HOH 13 13 13 HOH HOH A . 
B 2 HOH 14 14 14 HOH HOH A . 
B 2 HOH 15 15 15 HOH HOH A . 
B 2 HOH 16 16 16 HOH HOH A . 
B 2 HOH 17 17 17 HOH HOH A . 
B 2 HOH 18 18 18 HOH HOH A . 
B 2 HOH 19 19 19 HOH HOH A . 
B 2 HOH 20 20 20 HOH HOH A . 
# 
loop_
_pdbx_struct_assembly.id 
_pdbx_struct_assembly.details 
_pdbx_struct_assembly.method_details 
_pdbx_struct_assembly.oligomeric_details 
_pdbx_struct_assembly.oligomeric_count 
1 author_defined_assembly   ?    monomeric 1 
2 software_defined_assembly PISA dimeric   2 
# 
loop_
_pdbx_struct_assembly_gen.assembly_id 
_pdbx_struct_assembly_gen.oper_expression 
_pdbx_struct_assembly_gen.asym_id_list 
1 1   A,B 
2 1,2 A,B 
# 
loop_
_pdbx_struct_assembly_prop.biol_id 
_pdbx_struct_assembly_prop.type 
_pdbx_struct_assembly_prop.value 
_pdbx_struct_assembly_prop.details 
2 'ABSA (A^2)' 1240 ? 
2 MORE         -14  ? 
2 'SSA (A^2)'  8950 ? 
# 
loop_
_pdbx_struct_oper_list.id 
_pdbx_struct_oper_list.type 
_pdbx_struct_oper_list.name 
_pdbx_struct_oper_list.symmetry_operation 
_pdbx_struct_oper_list.matrix[1][1] 
_pdbx_struct_oper_list.matrix[1][2] 
_pdbx_struct_oper_list.matrix[1][3] 
_pdbx_struct_oper_list.vector[1] 
_pdbx_struct_oper_list.matrix[2][1] 
_pdbx_struct_oper_list.matrix[2][2] 
_pdbx_struct_oper_list.matrix[2][3] 
_pdbx_struct_oper_list.vector[2] 
_pdbx_struct_oper_list.matrix[3][1] 
_pdbx_struct_oper_list.matrix[3][2] 
_pdbx_struct_oper_list.matrix[3][3] 
_pdbx_struct_oper_list.vector[3] 
1 'identity operation'         1_555 x,y,z     1.0000000000  0.0000000000  0.0000000000  0.0000000000  0.0000000000  1.0000000000 0.0000000000 0.0000000000   0.0000000000  0.0000000000 1.0000000000  0.0000000000  
2 'crystal symmetry operation' 5_555 x-y,-y,-z -0.9762282678 -0.1954049488 -0.0937831277 -4.6574665282 -0.1954049488 0.6062394516 0.7709024797 -10.2891021345 -0.0937831277 0.7709024797 -0.6300111838 20.2576462937 
# 
loop_
_pdbx_audit_revision_history.ordinal 
_pdbx_audit_revision_history.data_content_type 
_pdbx_audit_revision_history.major_revision 
_pdbx_audit_revision_history.minor_revision 
_pdbx_audit_revision_history.revision_date 
1 'Structure model' 1 0 2011-01-19 
2 'Structure model' 1 1 2011-07-13 
3 'Structure model' 1 2 2018-11-21 
4 'Structure model' 1 3 2021-02-10 
5 'Structure model' 1 4 2023-09-06 
# 
_pdbx_audit_revision_details.ordinal             1 
_pdbx_audit_revision_details.revision_ordinal    1 
_pdbx_audit_revision_details.data_content_type   'Structure model' 
_pdbx_audit_revision_details.provider            repository 
_pdbx_audit_revision_details.type                'Initial release' 
_pdbx_audit_revision_details.description         ? 
_pdbx_audit_revision_details.details             ? 
# 
loop_
_pdbx_audit_revision_group.ordinal 
_pdbx_audit_revision_group.revision_ordinal 
_pdbx_audit_revision_group.data_content_type 
_pdbx_audit_revision_group.group 
1 2 'Structure model' 'Version format compliance' 
2 3 'Structure model' 'Data collection'           
3 3 'Structure model' 'Structure summary'         
4 4 'Structure model' 'Database references'       
5 4 'Structure model' 'Structure summary'         
6 5 'Structure model' 'Data collection'           
7 5 'Structure model' 'Database references'       
8 5 'Structure model' 'Refinement description'    
# 
loop_
_pdbx_audit_revision_category.ordinal 
_pdbx_audit_revision_category.revision_ordinal 
_pdbx_audit_revision_category.data_content_type 
_pdbx_audit_revision_category.category 
1 3 'Structure model' audit_author                  
2 4 'Structure model' audit_author                  
3 4 'Structure model' struct_ref_seq_dif            
4 5 'Structure model' chem_comp_atom                
5 5 'Structure model' chem_comp_bond                
6 5 'Structure model' database_2                    
7 5 'Structure model' pdbx_initial_refinement_model 
# 
loop_
_pdbx_audit_revision_item.ordinal 
_pdbx_audit_revision_item.revision_ordinal 
_pdbx_audit_revision_item.data_content_type 
_pdbx_audit_revision_item.item 
1 3 'Structure model' '_audit_author.identifier_ORCID'      
2 4 'Structure model' '_audit_author.identifier_ORCID'      
3 4 'Structure model' '_struct_ref_seq_dif.details'         
4 5 'Structure model' '_database_2.pdbx_DOI'                
5 5 'Structure model' '_database_2.pdbx_database_accession' 
# 
loop_
_software.pdbx_ordinal 
_software.name 
_software.version 
_software.date 
_software.type 
_software.contact_author 
_software.contact_author_email 
_software.classification 
_software.location 
_software.language 
_software.citation_id 
1 REFMAC      5.5.0109 ?               program 'Garib N. Murshudov' garib@ysbl.york.ac.uk    refinement        
http://www.ccp4.ac.uk/dist/html/refmac5.html Fortran_77 ? 
2 PDB_EXTRACT 3.10     'June 10, 2010' package PDB                  deposit@deposit.rcsb.org 'data extraction' 
http://sw-tools.pdb.org/apps/PDB_EXTRACT/    C++        ? 
3 MOSFLM      .        ?               ?       ?                    ?                        'data reduction'  ? ?          ? 
4 SCALA       .        ?               ?       ?                    ?                        'data scaling'    ? ?          ? 
5 PHASER      .        ?               ?       ?                    ?                        phasing           ? ?          ? 
# 
loop_
_pdbx_unobs_or_zero_occ_atoms.id 
_pdbx_unobs_or_zero_occ_atoms.PDB_model_num 
_pdbx_unobs_or_zero_occ_atoms.polymer_flag 
_pdbx_unobs_or_zero_occ_atoms.occupancy_flag 
_pdbx_unobs_or_zero_occ_atoms.auth_asym_id 
_pdbx_unobs_or_zero_occ_atoms.auth_comp_id 
_pdbx_unobs_or_zero_occ_atoms.auth_seq_id 
_pdbx_unobs_or_zero_occ_atoms.PDB_ins_code 
_pdbx_unobs_or_zero_occ_atoms.auth_atom_id 
_pdbx_unobs_or_zero_occ_atoms.label_alt_id 
_pdbx_unobs_or_zero_occ_atoms.label_asym_id 
_pdbx_unobs_or_zero_occ_atoms.label_comp_id 
_pdbx_unobs_or_zero_occ_atoms.label_seq_id 
_pdbx_unobs_or_zero_occ_atoms.label_atom_id 
1  1 Y 1 A GLU 275 ? CG  ? A GLU 17  CG  
2  1 Y 1 A GLU 275 ? CD  ? A GLU 17  CD  
3  1 Y 1 A GLU 275 ? OE1 ? A GLU 17  OE1 
4  1 Y 1 A GLU 275 ? OE2 ? A GLU 17  OE2 
5  1 Y 1 A GLU 296 ? CG  ? A GLU 38  CG  
6  1 Y 1 A GLU 296 ? CD  ? A GLU 38  CD  
7  1 Y 1 A GLU 296 ? OE1 ? A GLU 38  OE1 
8  1 Y 1 A GLU 296 ? OE2 ? A GLU 38  OE2 
9  1 Y 1 A LYS 356 ? CG  ? A LYS 98  CG  
10 1 Y 1 A LYS 356 ? CD  ? A LYS 98  CD  
11 1 Y 1 A LYS 356 ? CE  ? A LYS 98  CE  
12 1 Y 1 A LYS 356 ? NZ  ? A LYS 98  NZ  
13 1 Y 1 A GLU 360 ? CG  ? A GLU 102 CG  
14 1 Y 1 A GLU 360 ? CD  ? A GLU 102 CD  
15 1 Y 1 A GLU 360 ? OE1 ? A GLU 102 OE1 
16 1 Y 1 A GLU 360 ? OE2 ? A GLU 102 OE2 
# 
loop_
_pdbx_unobs_or_zero_occ_residues.id 
_pdbx_unobs_or_zero_occ_residues.PDB_model_num 
_pdbx_unobs_or_zero_occ_residues.polymer_flag 
_pdbx_unobs_or_zero_occ_residues.occupancy_flag 
_pdbx_unobs_or_zero_occ_residues.auth_asym_id 
_pdbx_unobs_or_zero_occ_residues.auth_comp_id 
_pdbx_unobs_or_zero_occ_residues.auth_seq_id 
_pdbx_unobs_or_zero_occ_residues.PDB_ins_code 
_pdbx_unobs_or_zero_occ_residues.label_asym_id 
_pdbx_unobs_or_zero_occ_residues.label_comp_id 
_pdbx_unobs_or_zero_occ_residues.label_seq_id 
1  1 Y 1 A MET 259 ? A MET 1   
2  1 Y 1 A SER 260 ? A SER 2   
3  1 Y 1 A LEU 261 ? A LEU 3   
4  1 Y 1 A SER 262 ? A SER 4   
5  1 Y 1 A ASN 263 ? A ASN 5   
6  1 Y 1 A GLY 264 ? A GLY 6   
7  1 Y 1 A GLU 265 ? A GLU 7   
8  1 Y 1 A GLN 302 ? A GLN 44  
9  1 Y 1 A ALA 303 ? A ALA 45  
10 1 Y 1 A MET 304 ? A MET 46  
11 1 Y 1 A THR 305 ? A THR 47  
12 1 Y 1 A VAL 306 ? A VAL 48  
13 1 Y 1 A GLY 307 ? A GLY 49  
14 1 Y 1 A LEU 308 ? A LEU 50  
15 1 Y 1 A GLN 309 ? A GLN 51  
16 1 Y 1 A ASP 310 ? A ASP 52  
17 1 Y 1 A ARG 311 ? A ARG 53  
18 1 Y 1 A GLN 312 ? A GLN 54  
19 1 Y 1 A LYS 364 ? A LYS 106 
20 1 Y 1 A ARG 365 ? A ARG 107 
21 1 Y 1 A LYS 366 ? A LYS 108 
22 1 Y 1 A LEU 367 ? A LEU 109 
23 1 Y 1 A THR 368 ? A THR 110 
24 1 Y 1 A SER 369 ? A SER 111 
25 1 Y 1 A SER 370 ? A SER 112 
26 1 Y 1 A GLU 371 ? A GLU 113 
27 1 Y 1 A ASP 372 ? A ASP 114 
28 1 Y 1 A ILE 373 ? A ILE 115 
29 1 Y 1 A GLY 374 ? A GLY 116 
30 1 Y 1 A SER 375 ? A SER 117 
31 1 Y 1 A GLY 376 ? A GLY 118 
32 1 Y 1 A ILE 377 ? A ILE 119 
33 1 Y 1 A THR 378 ? A THR 120 
34 1 Y 1 A THR 379 ? A THR 121 
35 1 Y 1 A ALA 380 ? A ALA 122 
36 1 Y 1 A ALA 381 ? A ALA 123 
37 1 Y 1 A ALA 382 ? A ALA 124 
38 1 Y 1 A GLU 383 ? A GLU 125 
39 1 Y 1 A GLY 384 ? A GLY 126 
40 1 Y 1 A HIS 385 ? A HIS 127 
41 1 Y 1 A HIS 386 ? A HIS 128 
42 1 Y 1 A HIS 387 ? A HIS 129 
43 1 Y 1 A HIS 388 ? A HIS 130 
44 1 Y 1 A HIS 389 ? A HIS 131 
45 1 Y 1 A HIS 390 ? A HIS 132 
# 
loop_
_chem_comp_atom.comp_id 
_chem_comp_atom.atom_id 
_chem_comp_atom.type_symbol 
_chem_comp_atom.pdbx_aromatic_flag 
_chem_comp_atom.pdbx_stereo_config 
_chem_comp_atom.pdbx_ordinal 
ALA N    N N N 1   
ALA CA   C N S 2   
ALA C    C N N 3   
ALA O    O N N 4   
ALA CB   C N N 5   
ALA OXT  O N N 6   
ALA H    H N N 7   
ALA H2   H N N 8   
ALA HA   H N N 9   
ALA HB1  H N N 10  
ALA HB2  H N N 11  
ALA HB3  H N N 12  
ALA HXT  H N N 13  
ARG N    N N N 14  
ARG CA   C N S 15  
ARG C    C N N 16  
ARG O    O N N 17  
ARG CB   C N N 18  
ARG CG   C N N 19  
ARG CD   C N N 20  
ARG NE   N N N 21  
ARG CZ   C N N 22  
ARG NH1  N N N 23  
ARG NH2  N N N 24  
ARG OXT  O N N 25  
ARG H    H N N 26  
ARG H2   H N N 27  
ARG HA   H N N 28  
ARG HB2  H N N 29  
ARG HB3  H N N 30  
ARG HG2  H N N 31  
ARG HG3  H N N 32  
ARG HD2  H N N 33  
ARG HD3  H N N 34  
ARG HE   H N N 35  
ARG HH11 H N N 36  
ARG HH12 H N N 37  
ARG HH21 H N N 38  
ARG HH22 H N N 39  
ARG HXT  H N N 40  
ASN N    N N N 41  
ASN CA   C N S 42  
ASN C    C N N 43  
ASN O    O N N 44  
ASN CB   C N N 45  
ASN CG   C N N 46  
ASN OD1  O N N 47  
ASN ND2  N N N 48  
ASN OXT  O N N 49  
ASN H    H N N 50  
ASN H2   H N N 51  
ASN HA   H N N 52  
ASN HB2  H N N 53  
ASN HB3  H N N 54  
ASN HD21 H N N 55  
ASN HD22 H N N 56  
ASN HXT  H N N 57  
ASP N    N N N 58  
ASP CA   C N S 59  
ASP C    C N N 60  
ASP O    O N N 61  
ASP CB   C N N 62  
ASP CG   C N N 63  
ASP OD1  O N N 64  
ASP OD2  O N N 65  
ASP OXT  O N N 66  
ASP H    H N N 67  
ASP H2   H N N 68  
ASP HA   H N N 69  
ASP HB2  H N N 70  
ASP HB3  H N N 71  
ASP HD2  H N N 72  
ASP HXT  H N N 73  
GLN N    N N N 74  
GLN CA   C N S 75  
GLN C    C N N 76  
GLN O    O N N 77  
GLN CB   C N N 78  
GLN CG   C N N 79  
GLN CD   C N N 80  
GLN OE1  O N N 81  
GLN NE2  N N N 82  
GLN OXT  O N N 83  
GLN H    H N N 84  
GLN H2   H N N 85  
GLN HA   H N N 86  
GLN HB2  H N N 87  
GLN HB3  H N N 88  
GLN HG2  H N N 89  
GLN HG3  H N N 90  
GLN HE21 H N N 91  
GLN HE22 H N N 92  
GLN HXT  H N N 93  
GLU N    N N N 94  
GLU CA   C N S 95  
GLU C    C N N 96  
GLU O    O N N 97  
GLU CB   C N N 98  
GLU CG   C N N 99  
GLU CD   C N N 100 
GLU OE1  O N N 101 
GLU OE2  O N N 102 
GLU OXT  O N N 103 
GLU H    H N N 104 
GLU H2   H N N 105 
GLU HA   H N N 106 
GLU HB2  H N N 107 
GLU HB3  H N N 108 
GLU HG2  H N N 109 
GLU HG3  H N N 110 
GLU HE2  H N N 111 
GLU HXT  H N N 112 
GLY N    N N N 113 
GLY CA   C N N 114 
GLY C    C N N 115 
GLY O    O N N 116 
GLY OXT  O N N 117 
GLY H    H N N 118 
GLY H2   H N N 119 
GLY HA2  H N N 120 
GLY HA3  H N N 121 
GLY HXT  H N N 122 
HIS N    N N N 123 
HIS CA   C N S 124 
HIS C    C N N 125 
HIS O    O N N 126 
HIS CB   C N N 127 
HIS CG   C Y N 128 
HIS ND1  N Y N 129 
HIS CD2  C Y N 130 
HIS CE1  C Y N 131 
HIS NE2  N Y N 132 
HIS OXT  O N N 133 
HIS H    H N N 134 
HIS H2   H N N 135 
HIS HA   H N N 136 
HIS HB2  H N N 137 
HIS HB3  H N N 138 
HIS HD1  H N N 139 
HIS HD2  H N N 140 
HIS HE1  H N N 141 
HIS HE2  H N N 142 
HIS HXT  H N N 143 
HOH O    O N N 144 
HOH H1   H N N 145 
HOH H2   H N N 146 
ILE N    N N N 147 
ILE CA   C N S 148 
ILE C    C N N 149 
ILE O    O N N 150 
ILE CB   C N S 151 
ILE CG1  C N N 152 
ILE CG2  C N N 153 
ILE CD1  C N N 154 
ILE OXT  O N N 155 
ILE H    H N N 156 
ILE H2   H N N 157 
ILE HA   H N N 158 
ILE HB   H N N 159 
ILE HG12 H N N 160 
ILE HG13 H N N 161 
ILE HG21 H N N 162 
ILE HG22 H N N 163 
ILE HG23 H N N 164 
ILE HD11 H N N 165 
ILE HD12 H N N 166 
ILE HD13 H N N 167 
ILE HXT  H N N 168 
LEU N    N N N 169 
LEU CA   C N S 170 
LEU C    C N N 171 
LEU O    O N N 172 
LEU CB   C N N 173 
LEU CG   C N N 174 
LEU CD1  C N N 175 
LEU CD2  C N N 176 
LEU OXT  O N N 177 
LEU H    H N N 178 
LEU H2   H N N 179 
LEU HA   H N N 180 
LEU HB2  H N N 181 
LEU HB3  H N N 182 
LEU HG   H N N 183 
LEU HD11 H N N 184 
LEU HD12 H N N 185 
LEU HD13 H N N 186 
LEU HD21 H N N 187 
LEU HD22 H N N 188 
LEU HD23 H N N 189 
LEU HXT  H N N 190 
LYS N    N N N 191 
LYS CA   C N S 192 
LYS C    C N N 193 
LYS O    O N N 194 
LYS CB   C N N 195 
LYS CG   C N N 196 
LYS CD   C N N 197 
LYS CE   C N N 198 
LYS NZ   N N N 199 
LYS OXT  O N N 200 
LYS H    H N N 201 
LYS H2   H N N 202 
LYS HA   H N N 203 
LYS HB2  H N N 204 
LYS HB3  H N N 205 
LYS HG2  H N N 206 
LYS HG3  H N N 207 
LYS HD2  H N N 208 
LYS HD3  H N N 209 
LYS HE2  H N N 210 
LYS HE3  H N N 211 
LYS HZ1  H N N 212 
LYS HZ2  H N N 213 
LYS HZ3  H N N 214 
LYS HXT  H N N 215 
MET N    N N N 216 
MET CA   C N S 217 
MET C    C N N 218 
MET O    O N N 219 
MET CB   C N N 220 
MET CG   C N N 221 
MET SD   S N N 222 
MET CE   C N N 223 
MET OXT  O N N 224 
MET H    H N N 225 
MET H2   H N N 226 
MET HA   H N N 227 
MET HB2  H N N 228 
MET HB3  H N N 229 
MET HG2  H N N 230 
MET HG3  H N N 231 
MET HE1  H N N 232 
MET HE2  H N N 233 
MET HE3  H N N 234 
MET HXT  H N N 235 
PHE N    N N N 236 
PHE CA   C N S 237 
PHE C    C N N 238 
PHE O    O N N 239 
PHE CB   C N N 240 
PHE CG   C Y N 241 
PHE CD1  C Y N 242 
PHE CD2  C Y N 243 
PHE CE1  C Y N 244 
PHE CE2  C Y N 245 
PHE CZ   C Y N 246 
PHE OXT  O N N 247 
PHE H    H N N 248 
PHE H2   H N N 249 
PHE HA   H N N 250 
PHE HB2  H N N 251 
PHE HB3  H N N 252 
PHE HD1  H N N 253 
PHE HD2  H N N 254 
PHE HE1  H N N 255 
PHE HE2  H N N 256 
PHE HZ   H N N 257 
PHE HXT  H N N 258 
PRO N    N N N 259 
PRO CA   C N S 260 
PRO C    C N N 261 
PRO O    O N N 262 
PRO CB   C N N 263 
PRO CG   C N N 264 
PRO CD   C N N 265 
PRO OXT  O N N 266 
PRO H    H N N 267 
PRO HA   H N N 268 
PRO HB2  H N N 269 
PRO HB3  H N N 270 
PRO HG2  H N N 271 
PRO HG3  H N N 272 
PRO HD2  H N N 273 
PRO HD3  H N N 274 
PRO HXT  H N N 275 
SER N    N N N 276 
SER CA   C N S 277 
SER C    C N N 278 
SER O    O N N 279 
SER CB   C N N 280 
SER OG   O N N 281 
SER OXT  O N N 282 
SER H    H N N 283 
SER H2   H N N 284 
SER HA   H N N 285 
SER HB2  H N N 286 
SER HB3  H N N 287 
SER HG   H N N 288 
SER HXT  H N N 289 
THR N    N N N 290 
THR CA   C N S 291 
THR C    C N N 292 
THR O    O N N 293 
THR CB   C N R 294 
THR OG1  O N N 295 
THR CG2  C N N 296 
THR OXT  O N N 297 
THR H    H N N 298 
THR H2   H N N 299 
THR HA   H N N 300 
THR HB   H N N 301 
THR HG1  H N N 302 
THR HG21 H N N 303 
THR HG22 H N N 304 
THR HG23 H N N 305 
THR HXT  H N N 306 
TRP N    N N N 307 
TRP CA   C N S 308 
TRP C    C N N 309 
TRP O    O N N 310 
TRP CB   C N N 311 
TRP CG   C Y N 312 
TRP CD1  C Y N 313 
TRP CD2  C Y N 314 
TRP NE1  N Y N 315 
TRP CE2  C Y N 316 
TRP CE3  C Y N 317 
TRP CZ2  C Y N 318 
TRP CZ3  C Y N 319 
TRP CH2  C Y N 320 
TRP OXT  O N N 321 
TRP H    H N N 322 
TRP H2   H N N 323 
TRP HA   H N N 324 
TRP HB2  H N N 325 
TRP HB3  H N N 326 
TRP HD1  H N N 327 
TRP HE1  H N N 328 
TRP HE3  H N N 329 
TRP HZ2  H N N 330 
TRP HZ3  H N N 331 
TRP HH2  H N N 332 
TRP HXT  H N N 333 
TYR N    N N N 334 
TYR CA   C N S 335 
TYR C    C N N 336 
TYR O    O N N 337 
TYR CB   C N N 338 
TYR CG   C Y N 339 
TYR CD1  C Y N 340 
TYR CD2  C Y N 341 
TYR CE1  C Y N 342 
TYR CE2  C Y N 343 
TYR CZ   C Y N 344 
TYR OH   O N N 345 
TYR OXT  O N N 346 
TYR H    H N N 347 
TYR H2   H N N 348 
TYR HA   H N N 349 
TYR HB2  H N N 350 
TYR HB3  H N N 351 
TYR HD1  H N N 352 
TYR HD2  H N N 353 
TYR HE1  H N N 354 
TYR HE2  H N N 355 
TYR HH   H N N 356 
TYR HXT  H N N 357 
VAL N    N N N 358 
VAL CA   C N S 359 
VAL C    C N N 360 
VAL O    O N N 361 
VAL CB   C N N 362 
VAL CG1  C N N 363 
VAL CG2  C N N 364 
VAL OXT  O N N 365 
VAL H    H N N 366 
VAL H2   H N N 367 
VAL HA   H N N 368 
VAL HB   H N N 369 
VAL HG11 H N N 370 
VAL HG12 H N N 371 
VAL HG13 H N N 372 
VAL HG21 H N N 373 
VAL HG22 H N N 374 
VAL HG23 H N N 375 
VAL HXT  H N N 376 
# 
loop_
_chem_comp_bond.comp_id 
_chem_comp_bond.atom_id_1 
_chem_comp_bond.atom_id_2 
_chem_comp_bond.value_order 
_chem_comp_bond.pdbx_aromatic_flag 
_chem_comp_bond.pdbx_stereo_config 
_chem_comp_bond.pdbx_ordinal 
ALA N   CA   sing N N 1   
ALA N   H    sing N N 2   
ALA N   H2   sing N N 3   
ALA CA  C    sing N N 4   
ALA CA  CB   sing N N 5   
ALA CA  HA   sing N N 6   
ALA C   O    doub N N 7   
ALA C   OXT  sing N N 8   
ALA CB  HB1  sing N N 9   
ALA CB  HB2  sing N N 10  
ALA CB  HB3  sing N N 11  
ALA OXT HXT  sing N N 12  
ARG N   CA   sing N N 13  
ARG N   H    sing N N 14  
ARG N   H2   sing N N 15  
ARG CA  C    sing N N 16  
ARG CA  CB   sing N N 17  
ARG CA  HA   sing N N 18  
ARG C   O    doub N N 19  
ARG C   OXT  sing N N 20  
ARG CB  CG   sing N N 21  
ARG CB  HB2  sing N N 22  
ARG CB  HB3  sing N N 23  
ARG CG  CD   sing N N 24  
ARG CG  HG2  sing N N 25  
ARG CG  HG3  sing N N 26  
ARG CD  NE   sing N N 27  
ARG CD  HD2  sing N N 28  
ARG CD  HD3  sing N N 29  
ARG NE  CZ   sing N N 30  
ARG NE  HE   sing N N 31  
ARG CZ  NH1  sing N N 32  
ARG CZ  NH2  doub N N 33  
ARG NH1 HH11 sing N N 34  
ARG NH1 HH12 sing N N 35  
ARG NH2 HH21 sing N N 36  
ARG NH2 HH22 sing N N 37  
ARG OXT HXT  sing N N 38  
ASN N   CA   sing N N 39  
ASN N   H    sing N N 40  
ASN N   H2   sing N N 41  
ASN CA  C    sing N N 42  
ASN CA  CB   sing N N 43  
ASN CA  HA   sing N N 44  
ASN C   O    doub N N 45  
ASN C   OXT  sing N N 46  
ASN CB  CG   sing N N 47  
ASN CB  HB2  sing N N 48  
ASN CB  HB3  sing N N 49  
ASN CG  OD1  doub N N 50  
ASN CG  ND2  sing N N 51  
ASN ND2 HD21 sing N N 52  
ASN ND2 HD22 sing N N 53  
ASN OXT HXT  sing N N 54  
ASP N   CA   sing N N 55  
ASP N   H    sing N N 56  
ASP N   H2   sing N N 57  
ASP CA  C    sing N N 58  
ASP CA  CB   sing N N 59  
ASP CA  HA   sing N N 60  
ASP C   O    doub N N 61  
ASP C   OXT  sing N N 62  
ASP CB  CG   sing N N 63  
ASP CB  HB2  sing N N 64  
ASP CB  HB3  sing N N 65  
ASP CG  OD1  doub N N 66  
ASP CG  OD2  sing N N 67  
ASP OD2 HD2  sing N N 68  
ASP OXT HXT  sing N N 69  
GLN N   CA   sing N N 70  
GLN N   H    sing N N 71  
GLN N   H2   sing N N 72  
GLN CA  C    sing N N 73  
GLN CA  CB   sing N N 74  
GLN CA  HA   sing N N 75  
GLN C   O    doub N N 76  
GLN C   OXT  sing N N 77  
GLN CB  CG   sing N N 78  
GLN CB  HB2  sing N N 79  
GLN CB  HB3  sing N N 80  
GLN CG  CD   sing N N 81  
GLN CG  HG2  sing N N 82  
GLN CG  HG3  sing N N 83  
GLN CD  OE1  doub N N 84  
GLN CD  NE2  sing N N 85  
GLN NE2 HE21 sing N N 86  
GLN NE2 HE22 sing N N 87  
GLN OXT HXT  sing N N 88  
GLU N   CA   sing N N 89  
GLU N   H    sing N N 90  
GLU N   H2   sing N N 91  
GLU CA  C    sing N N 92  
GLU CA  CB   sing N N 93  
GLU CA  HA   sing N N 94  
GLU C   O    doub N N 95  
GLU C   OXT  sing N N 96  
GLU CB  CG   sing N N 97  
GLU CB  HB2  sing N N 98  
GLU CB  HB3  sing N N 99  
GLU CG  CD   sing N N 100 
GLU CG  HG2  sing N N 101 
GLU CG  HG3  sing N N 102 
GLU CD  OE1  doub N N 103 
GLU CD  OE2  sing N N 104 
GLU OE2 HE2  sing N N 105 
GLU OXT HXT  sing N N 106 
GLY N   CA   sing N N 107 
GLY N   H    sing N N 108 
GLY N   H2   sing N N 109 
GLY CA  C    sing N N 110 
GLY CA  HA2  sing N N 111 
GLY CA  HA3  sing N N 112 
GLY C   O    doub N N 113 
GLY C   OXT  sing N N 114 
GLY OXT HXT  sing N N 115 
HIS N   CA   sing N N 116 
HIS N   H    sing N N 117 
HIS N   H2   sing N N 118 
HIS CA  C    sing N N 119 
HIS CA  CB   sing N N 120 
HIS CA  HA   sing N N 121 
HIS C   O    doub N N 122 
HIS C   OXT  sing N N 123 
HIS CB  CG   sing N N 124 
HIS CB  HB2  sing N N 125 
HIS CB  HB3  sing N N 126 
HIS CG  ND1  sing Y N 127 
HIS CG  CD2  doub Y N 128 
HIS ND1 CE1  doub Y N 129 
HIS ND1 HD1  sing N N 130 
HIS CD2 NE2  sing Y N 131 
HIS CD2 HD2  sing N N 132 
HIS CE1 NE2  sing Y N 133 
HIS CE1 HE1  sing N N 134 
HIS NE2 HE2  sing N N 135 
HIS OXT HXT  sing N N 136 
HOH O   H1   sing N N 137 
HOH O   H2   sing N N 138 
ILE N   CA   sing N N 139 
ILE N   H    sing N N 140 
ILE N   H2   sing N N 141 
ILE CA  C    sing N N 142 
ILE CA  CB   sing N N 143 
ILE CA  HA   sing N N 144 
ILE C   O    doub N N 145 
ILE C   OXT  sing N N 146 
ILE CB  CG1  sing N N 147 
ILE CB  CG2  sing N N 148 
ILE CB  HB   sing N N 149 
ILE CG1 CD1  sing N N 150 
ILE CG1 HG12 sing N N 151 
ILE CG1 HG13 sing N N 152 
ILE CG2 HG21 sing N N 153 
ILE CG2 HG22 sing N N 154 
ILE CG2 HG23 sing N N 155 
ILE CD1 HD11 sing N N 156 
ILE CD1 HD12 sing N N 157 
ILE CD1 HD13 sing N N 158 
ILE OXT HXT  sing N N 159 
LEU N   CA   sing N N 160 
LEU N   H    sing N N 161 
LEU N   H2   sing N N 162 
LEU CA  C    sing N N 163 
LEU CA  CB   sing N N 164 
LEU CA  HA   sing N N 165 
LEU C   O    doub N N 166 
LEU C   OXT  sing N N 167 
LEU CB  CG   sing N N 168 
LEU CB  HB2  sing N N 169 
LEU CB  HB3  sing N N 170 
LEU CG  CD1  sing N N 171 
LEU CG  CD2  sing N N 172 
LEU CG  HG   sing N N 173 
LEU CD1 HD11 sing N N 174 
LEU CD1 HD12 sing N N 175 
LEU CD1 HD13 sing N N 176 
LEU CD2 HD21 sing N N 177 
LEU CD2 HD22 sing N N 178 
LEU CD2 HD23 sing N N 179 
LEU OXT HXT  sing N N 180 
LYS N   CA   sing N N 181 
LYS N   H    sing N N 182 
LYS N   H2   sing N N 183 
LYS CA  C    sing N N 184 
LYS CA  CB   sing N N 185 
LYS CA  HA   sing N N 186 
LYS C   O    doub N N 187 
LYS C   OXT  sing N N 188 
LYS CB  CG   sing N N 189 
LYS CB  HB2  sing N N 190 
LYS CB  HB3  sing N N 191 
LYS CG  CD   sing N N 192 
LYS CG  HG2  sing N N 193 
LYS CG  HG3  sing N N 194 
LYS CD  CE   sing N N 195 
LYS CD  HD2  sing N N 196 
LYS CD  HD3  sing N N 197 
LYS CE  NZ   sing N N 198 
LYS CE  HE2  sing N N 199 
LYS CE  HE3  sing N N 200 
LYS NZ  HZ1  sing N N 201 
LYS NZ  HZ2  sing N N 202 
LYS NZ  HZ3  sing N N 203 
LYS OXT HXT  sing N N 204 
MET N   CA   sing N N 205 
MET N   H    sing N N 206 
MET N   H2   sing N N 207 
MET CA  C    sing N N 208 
MET CA  CB   sing N N 209 
MET CA  HA   sing N N 210 
MET C   O    doub N N 211 
MET C   OXT  sing N N 212 
MET CB  CG   sing N N 213 
MET CB  HB2  sing N N 214 
MET CB  HB3  sing N N 215 
MET CG  SD   sing N N 216 
MET CG  HG2  sing N N 217 
MET CG  HG3  sing N N 218 
MET SD  CE   sing N N 219 
MET CE  HE1  sing N N 220 
MET CE  HE2  sing N N 221 
MET CE  HE3  sing N N 222 
MET OXT HXT  sing N N 223 
PHE N   CA   sing N N 224 
PHE N   H    sing N N 225 
PHE N   H2   sing N N 226 
PHE CA  C    sing N N 227 
PHE CA  CB   sing N N 228 
PHE CA  HA   sing N N 229 
PHE C   O    doub N N 230 
PHE C   OXT  sing N N 231 
PHE CB  CG   sing N N 232 
PHE CB  HB2  sing N N 233 
PHE CB  HB3  sing N N 234 
PHE CG  CD1  doub Y N 235 
PHE CG  CD2  sing Y N 236 
PHE CD1 CE1  sing Y N 237 
PHE CD1 HD1  sing N N 238 
PHE CD2 CE2  doub Y N 239 
PHE CD2 HD2  sing N N 240 
PHE CE1 CZ   doub Y N 241 
PHE CE1 HE1  sing N N 242 
PHE CE2 CZ   sing Y N 243 
PHE CE2 HE2  sing N N 244 
PHE CZ  HZ   sing N N 245 
PHE OXT HXT  sing N N 246 
PRO N   CA   sing N N 247 
PRO N   CD   sing N N 248 
PRO N   H    sing N N 249 
PRO CA  C    sing N N 250 
PRO CA  CB   sing N N 251 
PRO CA  HA   sing N N 252 
PRO C   O    doub N N 253 
PRO C   OXT  sing N N 254 
PRO CB  CG   sing N N 255 
PRO CB  HB2  sing N N 256 
PRO CB  HB3  sing N N 257 
PRO CG  CD   sing N N 258 
PRO CG  HG2  sing N N 259 
PRO CG  HG3  sing N N 260 
PRO CD  HD2  sing N N 261 
PRO CD  HD3  sing N N 262 
PRO OXT HXT  sing N N 263 
SER N   CA   sing N N 264 
SER N   H    sing N N 265 
SER N   H2   sing N N 266 
SER CA  C    sing N N 267 
SER CA  CB   sing N N 268 
SER CA  HA   sing N N 269 
SER C   O    doub N N 270 
SER C   OXT  sing N N 271 
SER CB  OG   sing N N 272 
SER CB  HB2  sing N N 273 
SER CB  HB3  sing N N 274 
SER OG  HG   sing N N 275 
SER OXT HXT  sing N N 276 
THR N   CA   sing N N 277 
THR N   H    sing N N 278 
THR N   H2   sing N N 279 
THR CA  C    sing N N 280 
THR CA  CB   sing N N 281 
THR CA  HA   sing N N 282 
THR C   O    doub N N 283 
THR C   OXT  sing N N 284 
THR CB  OG1  sing N N 285 
THR CB  CG2  sing N N 286 
THR CB  HB   sing N N 287 
THR OG1 HG1  sing N N 288 
THR CG2 HG21 sing N N 289 
THR CG2 HG22 sing N N 290 
THR CG2 HG23 sing N N 291 
THR OXT HXT  sing N N 292 
TRP N   CA   sing N N 293 
TRP N   H    sing N N 294 
TRP N   H2   sing N N 295 
TRP CA  C    sing N N 296 
TRP CA  CB   sing N N 297 
TRP CA  HA   sing N N 298 
TRP C   O    doub N N 299 
TRP C   OXT  sing N N 300 
TRP CB  CG   sing N N 301 
TRP CB  HB2  sing N N 302 
TRP CB  HB3  sing N N 303 
TRP CG  CD1  doub Y N 304 
TRP CG  CD2  sing Y N 305 
TRP CD1 NE1  sing Y N 306 
TRP CD1 HD1  sing N N 307 
TRP CD2 CE2  doub Y N 308 
TRP CD2 CE3  sing Y N 309 
TRP NE1 CE2  sing Y N 310 
TRP NE1 HE1  sing N N 311 
TRP CE2 CZ2  sing Y N 312 
TRP CE3 CZ3  doub Y N 313 
TRP CE3 HE3  sing N N 314 
TRP CZ2 CH2  doub Y N 315 
TRP CZ2 HZ2  sing N N 316 
TRP CZ3 CH2  sing Y N 317 
TRP CZ3 HZ3  sing N N 318 
TRP CH2 HH2  sing N N 319 
TRP OXT HXT  sing N N 320 
TYR N   CA   sing N N 321 
TYR N   H    sing N N 322 
TYR N   H2   sing N N 323 
TYR CA  C    sing N N 324 
TYR CA  CB   sing N N 325 
TYR CA  HA   sing N N 326 
TYR C   O    doub N N 327 
TYR C   OXT  sing N N 328 
TYR CB  CG   sing N N 329 
TYR CB  HB2  sing N N 330 
TYR CB  HB3  sing N N 331 
TYR CG  CD1  doub Y N 332 
TYR CG  CD2  sing Y N 333 
TYR CD1 CE1  sing Y N 334 
TYR CD1 HD1  sing N N 335 
TYR CD2 CE2  doub Y N 336 
TYR CD2 HD2  sing N N 337 
TYR CE1 CZ   doub Y N 338 
TYR CE1 HE1  sing N N 339 
TYR CE2 CZ   sing Y N 340 
TYR CE2 HE2  sing N N 341 
TYR CZ  OH   sing N N 342 
TYR OH  HH   sing N N 343 
TYR OXT HXT  sing N N 344 
VAL N   CA   sing N N 345 
VAL N   H    sing N N 346 
VAL N   H2   sing N N 347 
VAL CA  C    sing N N 348 
VAL CA  CB   sing N N 349 
VAL CA  HA   sing N N 350 
VAL C   O    doub N N 351 
VAL C   OXT  sing N N 352 
VAL CB  CG1  sing N N 353 
VAL CB  CG2  sing N N 354 
VAL CB  HB   sing N N 355 
VAL CG1 HG11 sing N N 356 
VAL CG1 HG12 sing N N 357 
VAL CG1 HG13 sing N N 358 
VAL CG2 HG21 sing N N 359 
VAL CG2 HG22 sing N N 360 
VAL CG2 HG23 sing N N 361 
VAL OXT HXT  sing N N 362 
# 
_pdbx_entity_nonpoly.entity_id   2 
_pdbx_entity_nonpoly.name        water 
_pdbx_entity_nonpoly.comp_id     HOH 
# 
_pdbx_initial_refinement_model.id               1 
_pdbx_initial_refinement_model.entity_id_list   ? 
_pdbx_initial_refinement_model.type             'experimental model' 
_pdbx_initial_refinement_model.source_name      PDB 
_pdbx_initial_refinement_model.accession_code   1WWH 
_pdbx_initial_refinement_model.details          'Poly-Ala of 1WWH' 
# 
